data_7XOW
#
_entry.id   7XOW
#
_cell.length_a   1.00
_cell.length_b   1.00
_cell.length_c   1.00
_cell.angle_alpha   90.00
_cell.angle_beta   90.00
_cell.angle_gamma   90.00
#
_symmetry.space_group_name_H-M   'P 1'
#
loop_
_entity.id
_entity.type
_entity.pdbx_description
1 polymer 'Gastrin/cholecystokinin type B receptor'
2 polymer 'Guanine nucleotide-binding protein G(I)/G(S)/G(T) subunit beta-1'
3 polymer 'Guanine nucleotide-binding protein G(I)/G(S)/G(O) subunit gamma-2'
4 polymer scfv16
5 polymer 'Guanine nucleotide-binding protein G(q) subunit alpha'
6 polymer Gastrin
#
loop_
_entity_poly.entity_id
_entity_poly.type
_entity_poly.pdbx_seq_one_letter_code
_entity_poly.pdbx_strand_id
1 'polypeptide(L)'
;MELLKLNRSVQGTGPGPGASLCRPGAPLLNSSSVGNLSCEPPRIRGAGTRELELAIRITLYAVIFLMSVGGNMLIIVVLG
LSRRLRTVTNAFLLSLAVSDLLLAVACMPFTLLPNLMGTFIFGTVICKAVSYLMGVSVSVSTLSLVAIALERYSAICRPL
QARVWQTRSHAARVIVATWLLSGLLMVPYPVYTVVQPVGPRVLQCVHRWPSARVRQTWSVLLLLLLFFIPGVVMAVAYGL
ISRELYLGLRFDGDSDSDSQSRVRNQGGLPGAVHQNGRCRPETGAVGEDSDGCYVQLPRSRPALELTALTAPGPGSGSRP
TQAKLLAKKRVVRMLLVIVVLFFLCWLPVYSANTWRAFDGPGAHRALSGAPISFIHLLSYASACVNPLVYCFMHRRFRQA
CLETCARCCPRPPRARPRALPDEDPPTPSIASLSRLSYTTISTLGPG
;
R
2 'polypeptide(L)'
;MGSLLQSELDQLRQEAEQLKNQIRDARKACADATLSQITNNIDPVGRIQMRTRRTLRGHLAKIYAMHWGTDSRLLVSASQ
DGKLIIWDSYTTNKVHAIPLRSSWVMTCAYAPSGNYVACGGLDNICSIYNLKTREGNVRVSRELAGHTGYLSCCRFLDDN
QIVTSSGDTTCALWDIETGQQTTTFTGHTGDVMSLSLAPDTRLFVSGACDASAKLWDVREGMCRQTFTGHESDINAICFF
PNGNAFATGSDDATCRLFDLRADQELMTYSHDNIICGITSVSFSKSGRLLLAGYDDFNCNVWDALKADRAGVLAGHDNRV
SCLGVTDDGMAVATGSWDSFLKIWN
;
B
3 'polypeptide(L)' ASNNTASIAQARKLVEQLKMEANIDRIKVSKAAADLMAYCEAHAKEDPLLTPVPASENPFREKKFFCAIL C
4 'polypeptide(L)'
;DVQLVESGGGLVQPGGSRKLSCSASGFAFSSFGMHWVRQAPEKGLEWVAYISSGSGTIYYADTVKGRFTISRDDPKNTLF
LQMTSLRSEDTAMYYCVRSIYYYGSSPFDFWGQGTTLTVSSGGGGSGGGGSGGGGSDIVMTQATSSVPVTPGESVSISCR
SSKSLLHSNGNTYLYWFLQRPGQSPQLLIYRMSNLASGVPDRFSGSGSGTAFTLTISRLEAEDVGVYYCMQHLEYPLTFG
AGTKLELKGSLEVLFQGPAAAHHHHHHHH
;
E
5 'polypeptide(L)'
;MGCTLSAEDKAAVERSKMIDRNLREDGEKARRELKLLLLGTGESGKSTFIKQMRIIHGSGYSDEDKRGFTKLVYQNIFTA
MQAMIRAMDTLKIPYKYEHNKAHAQLVREVDVEKVSAFENPYVDAIKSLWNDPGIQECYDRRREYQLSDSTKYYLNDLDR
VADPAYLPTQQDVLRVRVPTTGIIEYPFDLQSVIFRMVDVGGQRSERRKWIHCFENVTSIMFLVALSEYDQVLVESDNEN
RMEESKALFRTIITYPWFQNSSVILFLNKKDLLEEKIMYSHLVDYFPEYDGPQRDAQAAREFILKMFVDLNPDSDKIIYS
HFTCATDTENIRFVFAAVKDTILQLNLKEYNLV
;
A
6 'polypeptide(L)' EGPWLEEEEEA(TYS)GWMDF L
#
# COMPACT_ATOMS: atom_id res chain seq x y z
N GLU A 53 -51.15 5.21 37.46
CA GLU A 53 -50.81 4.08 38.31
C GLU A 53 -49.51 3.43 37.84
N LEU A 54 -49.65 2.32 37.12
CA LEU A 54 -48.51 1.61 36.55
C LEU A 54 -48.32 1.89 35.07
N ALA A 55 -49.29 2.55 34.43
CA ALA A 55 -49.22 2.75 32.98
C ALA A 55 -47.96 3.51 32.58
N ILE A 56 -47.57 4.51 33.39
CA ILE A 56 -46.35 5.26 33.07
C ILE A 56 -45.14 4.34 33.14
N ARG A 57 -45.16 3.33 34.00
CA ARG A 57 -43.98 2.50 34.20
C ARG A 57 -43.72 1.62 33.00
N ILE A 58 -44.69 0.79 32.63
CA ILE A 58 -44.54 -0.05 31.45
C ILE A 58 -44.43 0.81 30.20
N THR A 59 -45.06 1.99 30.21
CA THR A 59 -44.96 2.90 29.07
C THR A 59 -43.52 3.35 28.85
N LEU A 60 -42.88 3.88 29.90
CA LEU A 60 -41.49 4.30 29.80
C LEU A 60 -40.58 3.12 29.48
N TYR A 61 -40.87 1.94 30.04
CA TYR A 61 -40.07 0.76 29.73
C TYR A 61 -40.14 0.43 28.25
N ALA A 62 -41.34 0.39 27.68
CA ALA A 62 -41.48 0.09 26.26
C ALA A 62 -40.85 1.17 25.40
N VAL A 63 -41.00 2.43 25.79
CA VAL A 63 -40.42 3.52 25.02
C VAL A 63 -38.90 3.38 24.96
N ILE A 64 -38.25 3.22 26.12
CA ILE A 64 -36.80 3.13 26.12
C ILE A 64 -36.34 1.83 25.49
N PHE A 65 -37.13 0.75 25.60
CA PHE A 65 -36.73 -0.50 24.98
C PHE A 65 -36.74 -0.42 23.47
N LEU A 66 -37.85 0.09 22.90
CA LEU A 66 -37.91 0.24 21.44
C LEU A 66 -36.86 1.22 20.94
N MET A 67 -36.74 2.38 21.60
CA MET A 67 -35.73 3.36 21.19
C MET A 67 -34.33 2.76 21.25
N SER A 68 -34.02 2.05 22.33
CA SER A 68 -32.68 1.50 22.50
C SER A 68 -32.39 0.46 21.43
N VAL A 69 -33.28 -0.54 21.29
CA VAL A 69 -33.00 -1.61 20.34
C VAL A 69 -32.92 -1.06 18.91
N GLY A 70 -33.79 -0.12 18.57
CA GLY A 70 -33.77 0.43 17.22
C GLY A 70 -32.51 1.24 16.96
N GLY A 71 -32.22 2.21 17.83
CA GLY A 71 -31.02 3.01 17.65
C GLY A 71 -29.76 2.19 17.61
N ASN A 72 -29.65 1.20 18.50
CA ASN A 72 -28.43 0.40 18.57
C ASN A 72 -28.29 -0.50 17.35
N MET A 73 -29.37 -1.12 16.88
CA MET A 73 -29.26 -1.93 15.67
C MET A 73 -28.91 -1.06 14.47
N LEU A 74 -29.46 0.16 14.41
CA LEU A 74 -29.14 1.08 13.33
C LEU A 74 -27.66 1.46 13.38
N ILE A 75 -27.15 1.78 14.56
CA ILE A 75 -25.74 2.15 14.71
C ILE A 75 -24.85 0.99 14.28
N ILE A 76 -25.21 -0.23 14.69
CA ILE A 76 -24.42 -1.40 14.35
C ILE A 76 -24.38 -1.59 12.84
N VAL A 77 -25.54 -1.59 12.19
CA VAL A 77 -25.57 -1.87 10.76
C VAL A 77 -24.85 -0.77 9.98
N VAL A 78 -24.98 0.49 10.43
CA VAL A 78 -24.30 1.58 9.76
C VAL A 78 -22.79 1.44 9.87
N LEU A 79 -22.27 1.42 11.11
CA LEU A 79 -20.83 1.37 11.28
C LEU A 79 -20.23 0.02 10.90
N GLY A 80 -21.04 -0.99 10.58
CA GLY A 80 -20.50 -2.24 10.13
C GLY A 80 -20.54 -2.40 8.62
N LEU A 81 -21.55 -1.84 7.98
CA LEU A 81 -21.72 -1.94 6.53
C LEU A 81 -21.47 -0.61 5.83
N SER A 82 -20.54 0.19 6.35
CA SER A 82 -20.15 1.44 5.70
C SER A 82 -18.77 1.36 5.05
N ARG A 83 -17.81 0.72 5.70
CA ARG A 83 -16.52 0.35 5.11
C ARG A 83 -15.63 1.56 4.89
N ARG A 84 -16.16 2.75 5.14
CA ARG A 84 -15.39 3.99 5.04
C ARG A 84 -15.27 4.74 6.35
N LEU A 85 -16.21 4.54 7.29
CA LEU A 85 -16.13 5.14 8.61
C LEU A 85 -15.33 4.22 9.53
N ARG A 86 -14.05 4.09 9.21
CA ARG A 86 -13.12 3.27 9.99
C ARG A 86 -12.13 4.21 10.65
N THR A 87 -12.52 4.73 11.81
CA THR A 87 -11.69 5.62 12.60
C THR A 87 -11.27 4.89 13.88
N VAL A 88 -10.58 5.62 14.76
CA VAL A 88 -10.18 5.01 16.02
C VAL A 88 -11.34 5.01 17.01
N THR A 89 -12.24 5.99 16.91
CA THR A 89 -13.36 6.07 17.83
C THR A 89 -14.61 5.34 17.36
N ASN A 90 -14.72 5.06 16.05
CA ASN A 90 -15.89 4.32 15.59
C ASN A 90 -15.85 2.87 16.04
N ALA A 91 -14.66 2.31 16.25
CA ALA A 91 -14.56 0.99 16.85
C ALA A 91 -15.16 0.99 18.25
N PHE A 92 -14.79 1.98 19.07
CA PHE A 92 -15.33 2.05 20.42
C PHE A 92 -16.83 2.33 20.40
N LEU A 93 -17.29 3.15 19.46
CA LEU A 93 -18.72 3.41 19.35
C LEU A 93 -19.48 2.16 18.96
N LEU A 94 -18.94 1.35 18.05
CA LEU A 94 -19.60 0.11 17.67
C LEU A 94 -19.62 -0.88 18.82
N SER A 95 -18.51 -0.99 19.57
CA SER A 95 -18.48 -1.89 20.71
C SER A 95 -19.47 -1.46 21.78
N LEU A 96 -19.54 -0.15 22.03
CA LEU A 96 -20.51 0.36 23.00
C LEU A 96 -21.93 0.12 22.53
N ALA A 97 -22.20 0.27 21.23
CA ALA A 97 -23.54 0.04 20.71
C ALA A 97 -23.93 -1.44 20.83
N VAL A 98 -22.99 -2.34 20.56
CA VAL A 98 -23.28 -3.77 20.71
C VAL A 98 -23.56 -4.12 22.16
N SER A 99 -22.69 -3.66 23.07
CA SER A 99 -22.92 -3.91 24.50
C SER A 99 -24.22 -3.28 24.97
N ASP A 100 -24.61 -2.16 24.37
CA ASP A 100 -25.84 -1.47 24.74
C ASP A 100 -27.07 -2.22 24.26
N LEU A 101 -27.02 -2.75 23.04
CA LEU A 101 -28.11 -3.61 22.55
C LEU A 101 -28.24 -4.85 23.42
N LEU A 102 -27.11 -5.45 23.79
CA LEU A 102 -27.14 -6.57 24.72
C LEU A 102 -27.79 -6.17 26.03
N LEU A 103 -27.38 -5.03 26.60
CA LEU A 103 -27.99 -4.50 27.81
C LEU A 103 -29.50 -4.43 27.68
N ALA A 104 -29.98 -3.79 26.61
CA ALA A 104 -31.42 -3.63 26.42
C ALA A 104 -32.12 -4.98 26.38
N VAL A 105 -31.81 -5.78 25.36
CA VAL A 105 -32.61 -6.96 25.03
C VAL A 105 -32.29 -8.13 25.95
N ALA A 106 -31.36 -7.94 26.89
CA ALA A 106 -31.08 -8.94 27.90
C ALA A 106 -31.61 -8.54 29.27
N CYS A 107 -31.59 -7.25 29.59
CA CYS A 107 -31.91 -6.80 30.93
C CYS A 107 -33.35 -6.33 31.07
N MET A 108 -33.89 -5.64 30.07
CA MET A 108 -35.19 -4.99 30.27
C MET A 108 -36.34 -5.97 30.49
N PRO A 109 -36.55 -6.98 29.64
CA PRO A 109 -37.69 -7.87 29.89
C PRO A 109 -37.57 -8.65 31.19
N PHE A 110 -36.42 -9.27 31.44
CA PHE A 110 -36.25 -10.02 32.68
C PHE A 110 -36.13 -9.14 33.90
N THR A 111 -36.23 -7.82 33.76
CA THR A 111 -36.36 -6.90 34.88
C THR A 111 -37.79 -6.42 35.06
N LEU A 112 -38.52 -6.18 33.97
CA LEU A 112 -39.86 -5.65 34.08
C LEU A 112 -40.87 -6.75 34.34
N LEU A 113 -40.82 -7.84 33.57
CA LEU A 113 -41.80 -8.91 33.74
C LEU A 113 -41.81 -9.50 35.15
N PRO A 114 -40.70 -10.03 35.69
CA PRO A 114 -40.79 -10.66 37.01
C PRO A 114 -40.98 -9.67 38.15
N ASN A 115 -40.60 -8.41 37.99
CA ASN A 115 -40.80 -7.42 39.05
C ASN A 115 -42.27 -7.04 39.20
N LEU A 116 -43.08 -7.29 38.19
CA LEU A 116 -44.53 -7.19 38.26
C LEU A 116 -45.18 -8.51 38.65
N MET A 117 -44.68 -9.62 38.08
CA MET A 117 -45.27 -10.92 38.34
C MET A 117 -45.10 -11.38 39.77
N GLY A 118 -44.27 -10.72 40.55
CA GLY A 118 -44.01 -11.14 41.92
C GLY A 118 -43.42 -12.53 42.04
N THR A 119 -42.71 -12.98 41.01
CA THR A 119 -42.14 -14.32 40.97
C THR A 119 -41.27 -14.44 39.73
N PHE A 120 -40.53 -15.54 39.65
CA PHE A 120 -39.65 -15.84 38.52
C PHE A 120 -40.00 -17.25 38.04
N ILE A 121 -40.76 -17.34 36.95
CA ILE A 121 -41.13 -18.64 36.40
C ILE A 121 -40.11 -19.05 35.34
N PHE A 122 -39.09 -18.23 35.13
CA PHE A 122 -38.23 -18.36 33.97
C PHE A 122 -37.14 -19.42 34.11
N GLY A 123 -36.97 -19.99 35.30
CA GLY A 123 -36.09 -21.13 35.46
C GLY A 123 -34.66 -20.74 35.82
N THR A 124 -33.93 -21.76 36.30
CA THR A 124 -32.59 -21.54 36.83
C THR A 124 -31.62 -21.10 35.75
N VAL A 125 -31.69 -21.73 34.58
CA VAL A 125 -30.80 -21.38 33.50
C VAL A 125 -31.07 -19.96 33.03
N ILE A 126 -32.34 -19.61 32.87
CA ILE A 126 -32.66 -18.26 32.43
C ILE A 126 -32.18 -17.27 33.47
N CYS A 127 -32.42 -17.57 34.75
CA CYS A 127 -32.00 -16.69 35.85
C CYS A 127 -30.47 -16.58 35.90
N LYS A 128 -29.78 -17.71 35.73
CA LYS A 128 -28.32 -17.72 35.73
C LYS A 128 -27.70 -16.99 34.54
N ALA A 129 -28.31 -17.13 33.38
CA ALA A 129 -27.79 -16.49 32.17
C ALA A 129 -28.02 -14.99 32.17
N VAL A 130 -29.24 -14.57 32.45
CA VAL A 130 -29.57 -13.15 32.46
C VAL A 130 -28.72 -12.41 33.48
N SER A 131 -28.41 -13.04 34.62
CA SER A 131 -27.53 -12.38 35.59
C SER A 131 -26.16 -12.13 34.97
N TYR A 132 -25.58 -13.14 34.33
CA TYR A 132 -24.26 -12.96 33.74
C TYR A 132 -24.29 -11.95 32.59
N LEU A 133 -25.37 -11.94 31.82
CA LEU A 133 -25.45 -10.98 30.71
C LEU A 133 -25.58 -9.55 31.23
N MET A 134 -26.41 -9.33 32.24
CA MET A 134 -26.47 -8.01 32.88
C MET A 134 -25.10 -7.58 33.36
N GLY A 135 -24.42 -8.47 34.10
CA GLY A 135 -23.13 -8.12 34.67
C GLY A 135 -22.09 -7.80 33.62
N VAL A 136 -22.08 -8.55 32.52
CA VAL A 136 -21.08 -8.33 31.48
C VAL A 136 -21.40 -7.05 30.72
N SER A 137 -22.68 -6.82 30.42
CA SER A 137 -23.01 -5.68 29.57
C SER A 137 -22.80 -4.36 30.30
N VAL A 138 -23.18 -4.29 31.58
CA VAL A 138 -22.96 -3.05 32.33
C VAL A 138 -21.47 -2.72 32.40
N SER A 139 -20.65 -3.74 32.68
CA SER A 139 -19.21 -3.50 32.79
C SER A 139 -18.60 -3.12 31.45
N VAL A 140 -19.05 -3.74 30.36
CA VAL A 140 -18.50 -3.38 29.05
C VAL A 140 -18.90 -1.96 28.68
N SER A 141 -20.14 -1.58 28.95
CA SER A 141 -20.57 -0.21 28.65
C SER A 141 -19.76 0.81 29.44
N THR A 142 -19.56 0.56 30.74
CA THR A 142 -18.80 1.52 31.55
C THR A 142 -17.35 1.60 31.12
N LEU A 143 -16.69 0.44 30.94
CA LEU A 143 -15.30 0.44 30.52
C LEU A 143 -15.13 1.06 29.13
N SER A 144 -16.12 0.92 28.25
CA SER A 144 -16.00 1.52 26.94
C SER A 144 -16.20 3.03 27.00
N LEU A 145 -17.07 3.49 27.91
CA LEU A 145 -17.16 4.94 28.12
C LEU A 145 -15.84 5.52 28.61
N VAL A 146 -15.19 4.83 29.55
CA VAL A 146 -13.90 5.30 30.05
C VAL A 146 -12.84 5.24 28.96
N ALA A 147 -12.88 4.19 28.13
CA ALA A 147 -11.92 4.09 27.04
C ALA A 147 -12.10 5.24 26.04
N ILE A 148 -13.35 5.58 25.70
CA ILE A 148 -13.58 6.71 24.80
C ILE A 148 -13.07 8.00 25.43
N ALA A 149 -13.30 8.18 26.73
CA ALA A 149 -12.82 9.40 27.38
C ALA A 149 -11.31 9.49 27.35
N LEU A 150 -10.61 8.38 27.62
CA LEU A 150 -9.15 8.41 27.60
C LEU A 150 -8.60 8.58 26.19
N GLU A 151 -9.25 7.99 25.18
CA GLU A 151 -8.81 8.22 23.81
C GLU A 151 -8.97 9.68 23.42
N ARG A 152 -10.11 10.29 23.75
CA ARG A 152 -10.27 11.71 23.44
C ARG A 152 -9.26 12.57 24.18
N TYR A 153 -8.94 12.22 25.43
CA TYR A 153 -7.92 12.97 26.14
C TYR A 153 -6.57 12.85 25.44
N SER A 154 -6.16 11.63 25.12
CA SER A 154 -4.86 11.43 24.48
C SER A 154 -4.80 12.12 23.12
N ALA A 155 -5.92 12.23 22.43
CA ALA A 155 -5.92 12.77 21.07
C ALA A 155 -6.24 14.25 20.99
N ILE A 156 -6.65 14.89 22.10
CA ILE A 156 -6.88 16.33 22.10
C ILE A 156 -5.93 17.09 23.03
N CYS A 157 -5.28 16.42 23.98
CA CYS A 157 -4.36 17.10 24.88
C CYS A 157 -2.89 16.89 24.51
N ARG A 158 -2.58 15.87 23.73
CA ARG A 158 -1.24 15.68 23.20
C ARG A 158 -1.33 14.97 21.86
N PRO A 159 -1.64 15.68 20.77
CA PRO A 159 -1.93 15.00 19.50
C PRO A 159 -0.70 14.52 18.75
N LEU A 160 0.43 15.21 18.93
CA LEU A 160 1.64 14.80 18.24
C LEU A 160 2.21 13.51 18.82
N GLN A 161 2.09 13.33 20.14
CA GLN A 161 2.47 12.07 20.76
C GLN A 161 1.41 11.00 20.60
N ALA A 162 0.18 11.36 20.25
CA ALA A 162 -0.87 10.39 20.02
C ALA A 162 -0.93 9.91 18.57
N ARG A 163 -0.38 10.69 17.63
CA ARG A 163 -0.28 10.24 16.25
C ARG A 163 0.52 8.94 16.14
N VAL A 164 1.44 8.72 17.07
CA VAL A 164 2.33 7.56 17.00
C VAL A 164 1.54 6.26 17.14
N TRP A 165 0.91 6.12 18.30
CA TRP A 165 0.22 4.88 18.68
C TRP A 165 -1.28 4.78 18.48
N GLN A 166 -1.94 5.85 18.04
CA GLN A 166 -3.37 5.73 17.87
C GLN A 166 -3.69 5.25 16.46
N THR A 167 -3.98 3.96 16.39
CA THR A 167 -4.31 3.27 15.15
C THR A 167 -5.44 2.31 15.46
N ARG A 168 -6.13 1.85 14.43
CA ARG A 168 -7.26 0.95 14.65
C ARG A 168 -6.80 -0.38 15.24
N SER A 169 -5.57 -0.80 14.94
CA SER A 169 -5.02 -2.02 15.53
C SER A 169 -4.82 -1.88 17.02
N HIS A 170 -4.88 -0.67 17.56
CA HIS A 170 -4.88 -0.43 19.00
C HIS A 170 -6.28 -0.34 19.57
N ALA A 171 -7.22 0.26 18.83
CA ALA A 171 -8.61 0.28 19.25
C ALA A 171 -9.17 -1.14 19.37
N ALA A 172 -8.83 -2.01 18.41
CA ALA A 172 -9.32 -3.38 18.47
C ALA A 172 -8.70 -4.13 19.65
N ARG A 173 -7.41 -3.93 19.89
CA ARG A 173 -6.76 -4.51 21.06
C ARG A 173 -7.46 -4.07 22.34
N VAL A 174 -7.75 -2.78 22.46
CA VAL A 174 -8.39 -2.28 23.68
C VAL A 174 -9.80 -2.84 23.83
N ILE A 175 -10.54 -2.95 22.72
CA ILE A 175 -11.90 -3.46 22.80
C ILE A 175 -11.90 -4.91 23.24
N VAL A 176 -11.02 -5.72 22.67
CA VAL A 176 -11.01 -7.13 23.06
C VAL A 176 -10.48 -7.29 24.48
N ALA A 177 -9.55 -6.44 24.92
CA ALA A 177 -9.11 -6.51 26.31
C ALA A 177 -10.24 -6.13 27.25
N THR A 178 -11.03 -5.12 26.89
CA THR A 178 -12.18 -4.73 27.70
C THR A 178 -13.18 -5.87 27.81
N TRP A 179 -13.49 -6.52 26.69
CA TRP A 179 -14.47 -7.59 26.71
C TRP A 179 -13.97 -8.79 27.51
N LEU A 180 -12.68 -9.13 27.35
CA LEU A 180 -12.14 -10.24 28.12
C LEU A 180 -12.13 -9.95 29.62
N LEU A 181 -11.73 -8.73 30.01
CA LEU A 181 -11.73 -8.39 31.43
C LEU A 181 -13.14 -8.37 32.00
N SER A 182 -14.11 -7.88 31.23
CA SER A 182 -15.48 -7.86 31.71
C SER A 182 -16.04 -9.27 31.86
N GLY A 183 -15.74 -10.15 30.90
CA GLY A 183 -16.18 -11.53 31.00
C GLY A 183 -15.50 -12.29 32.11
N LEU A 184 -14.25 -11.94 32.43
CA LEU A 184 -13.54 -12.60 33.52
C LEU A 184 -13.97 -12.05 34.88
N LEU A 185 -14.47 -10.81 34.91
CA LEU A 185 -14.79 -10.19 36.19
C LEU A 185 -16.17 -10.61 36.69
N MET A 186 -17.09 -10.94 35.78
CA MET A 186 -18.49 -11.12 36.12
C MET A 186 -18.91 -12.59 36.23
N VAL A 187 -17.90 -13.45 36.33
CA VAL A 187 -18.10 -14.90 36.41
C VAL A 187 -18.61 -15.28 37.79
N PRO A 188 -18.32 -14.44 38.80
CA PRO A 188 -18.84 -14.70 40.13
C PRO A 188 -20.36 -14.72 40.16
N TYR A 189 -21.05 -13.87 39.38
CA TYR A 189 -22.49 -13.88 39.43
C TYR A 189 -23.06 -15.25 39.06
N PRO A 190 -22.63 -15.87 37.94
CA PRO A 190 -23.14 -17.20 37.60
C PRO A 190 -22.85 -18.24 38.66
N VAL A 191 -21.68 -18.15 39.29
CA VAL A 191 -21.33 -19.04 40.38
C VAL A 191 -22.48 -19.09 41.40
N TYR A 192 -23.13 -17.96 41.70
CA TYR A 192 -24.24 -18.07 42.67
C TYR A 192 -25.41 -17.20 42.24
N THR A 193 -26.31 -17.76 41.43
CA THR A 193 -27.55 -17.09 41.07
C THR A 193 -28.69 -18.11 41.07
N VAL A 194 -28.75 -18.91 42.12
CA VAL A 194 -29.78 -19.95 42.23
C VAL A 194 -31.14 -19.36 42.61
N VAL A 195 -32.21 -19.92 42.05
CA VAL A 195 -33.55 -19.45 42.36
C VAL A 195 -34.14 -20.34 43.44
N GLN A 196 -34.24 -19.80 44.65
CA GLN A 196 -34.75 -20.55 45.78
C GLN A 196 -36.06 -19.95 46.24
N PRO A 197 -37.16 -20.69 46.04
CA PRO A 197 -38.46 -20.18 46.44
C PRO A 197 -38.60 -20.00 47.95
N VAL A 198 -39.20 -18.88 48.34
CA VAL A 198 -39.44 -18.57 49.73
C VAL A 198 -40.96 -18.65 49.81
N GLY A 199 -41.49 -19.47 50.70
CA GLY A 199 -42.93 -19.64 50.76
C GLY A 199 -43.34 -20.71 49.76
N PRO A 200 -44.64 -20.87 49.54
CA PRO A 200 -45.07 -21.92 48.61
C PRO A 200 -44.66 -21.79 47.13
N ARG A 201 -44.79 -20.61 46.50
CA ARG A 201 -44.45 -20.49 45.08
C ARG A 201 -43.72 -19.22 44.61
N VAL A 202 -43.13 -18.46 45.52
CA VAL A 202 -42.47 -17.21 45.13
C VAL A 202 -41.24 -17.27 44.20
N LEU A 203 -40.39 -18.28 44.37
CA LEU A 203 -39.16 -18.48 43.59
C LEU A 203 -38.08 -17.40 43.77
N GLN A 204 -38.44 -16.14 43.55
CA GLN A 204 -37.52 -15.00 43.73
C GLN A 204 -36.04 -15.09 43.32
N CYS A 205 -35.75 -15.37 42.05
CA CYS A 205 -34.37 -15.43 41.52
C CYS A 205 -33.47 -14.30 42.05
N VAL A 206 -32.46 -14.69 42.84
CA VAL A 206 -31.55 -13.75 43.50
C VAL A 206 -30.13 -14.30 43.49
N HIS A 207 -29.15 -13.42 43.66
CA HIS A 207 -27.76 -13.82 43.68
C HIS A 207 -27.30 -14.02 45.11
N ARG A 208 -27.77 -15.08 45.76
CA ARG A 208 -27.40 -15.33 47.13
C ARG A 208 -25.91 -15.56 47.13
N TRP A 209 -25.20 -14.89 48.02
CA TRP A 209 -23.76 -15.03 48.06
C TRP A 209 -23.34 -16.16 48.99
N PRO A 210 -22.16 -16.73 48.74
CA PRO A 210 -21.78 -17.90 49.55
C PRO A 210 -21.75 -17.66 51.05
N SER A 211 -21.10 -16.60 51.51
CA SER A 211 -21.06 -16.29 52.93
C SER A 211 -20.90 -14.79 53.08
N ALA A 212 -21.00 -14.31 54.32
CA ALA A 212 -20.83 -12.90 54.60
C ALA A 212 -19.44 -12.44 54.18
N ARG A 213 -19.30 -11.13 54.01
CA ARG A 213 -18.12 -10.49 53.45
C ARG A 213 -17.83 -10.92 52.02
N VAL A 214 -18.81 -11.51 51.34
CA VAL A 214 -18.77 -11.70 49.90
C VAL A 214 -19.91 -10.96 49.23
N ARG A 215 -21.04 -10.81 49.93
CA ARG A 215 -22.08 -9.88 49.49
C ARG A 215 -21.58 -8.44 49.60
N GLN A 216 -20.97 -8.10 50.74
CA GLN A 216 -20.59 -6.72 51.00
C GLN A 216 -19.34 -6.33 50.22
N THR A 217 -18.32 -7.18 50.24
CA THR A 217 -17.05 -6.85 49.58
C THR A 217 -17.24 -6.73 48.07
N TRP A 218 -18.01 -7.64 47.47
CA TRP A 218 -18.22 -7.57 46.03
C TRP A 218 -19.04 -6.34 45.65
N SER A 219 -20.05 -6.00 46.44
CA SER A 219 -20.83 -4.80 46.18
C SER A 219 -19.96 -3.55 46.26
N VAL A 220 -19.10 -3.47 47.29
CA VAL A 220 -18.22 -2.32 47.42
C VAL A 220 -17.20 -2.30 46.28
N LEU A 221 -16.74 -3.47 45.85
CA LEU A 221 -15.81 -3.53 44.72
C LEU A 221 -16.45 -2.98 43.46
N LEU A 222 -17.70 -3.39 43.18
CA LEU A 222 -18.40 -2.80 42.04
C LEU A 222 -18.56 -1.30 42.20
N LEU A 223 -18.98 -0.85 43.39
CA LEU A 223 -19.23 0.58 43.60
C LEU A 223 -17.98 1.40 43.28
N LEU A 224 -16.84 1.04 43.87
CA LEU A 224 -15.63 1.81 43.65
C LEU A 224 -15.05 1.58 42.26
N LEU A 225 -14.74 0.33 41.92
CA LEU A 225 -14.02 0.02 40.70
C LEU A 225 -14.85 0.23 39.43
N LEU A 226 -16.16 0.47 39.55
CA LEU A 226 -17.00 0.65 38.37
C LEU A 226 -17.92 1.86 38.42
N PHE A 227 -17.91 2.63 39.51
CA PHE A 227 -18.69 3.87 39.53
C PHE A 227 -17.95 5.06 40.13
N PHE A 228 -16.88 4.87 40.90
CA PHE A 228 -16.07 5.98 41.36
C PHE A 228 -14.84 6.19 40.49
N ILE A 229 -14.10 5.13 40.19
CA ILE A 229 -12.90 5.24 39.38
C ILE A 229 -13.29 5.62 37.94
N PRO A 230 -14.25 4.92 37.30
CA PRO A 230 -14.67 5.40 35.97
C PRO A 230 -15.29 6.79 35.98
N GLY A 231 -16.08 7.12 36.99
CA GLY A 231 -16.67 8.44 37.05
C GLY A 231 -15.63 9.54 37.15
N VAL A 232 -14.67 9.37 38.06
CA VAL A 232 -13.64 10.38 38.25
C VAL A 232 -12.70 10.41 37.05
N VAL A 233 -12.46 9.27 36.42
CA VAL A 233 -11.59 9.25 35.23
C VAL A 233 -12.23 10.05 34.10
N MET A 234 -13.52 9.78 33.82
CA MET A 234 -14.21 10.56 32.80
C MET A 234 -14.26 12.03 33.15
N ALA A 235 -14.53 12.35 34.42
CA ALA A 235 -14.63 13.75 34.84
C ALA A 235 -13.31 14.47 34.63
N VAL A 236 -12.20 13.88 35.07
CA VAL A 236 -10.90 14.52 34.96
C VAL A 236 -10.45 14.63 33.50
N ALA A 237 -10.65 13.57 32.72
CA ALA A 237 -10.24 13.62 31.32
C ALA A 237 -11.00 14.68 30.55
N TYR A 238 -12.32 14.77 30.77
CA TYR A 238 -13.07 15.79 30.05
C TYR A 238 -12.81 17.18 30.60
N GLY A 239 -12.42 17.29 31.87
CA GLY A 239 -12.00 18.58 32.38
C GLY A 239 -10.73 19.07 31.72
N LEU A 240 -9.73 18.18 31.59
CA LEU A 240 -8.51 18.55 30.89
C LEU A 240 -8.76 18.87 29.43
N ILE A 241 -9.65 18.11 28.79
CA ILE A 241 -10.00 18.43 27.41
C ILE A 241 -10.62 19.82 27.31
N SER A 242 -11.53 20.14 28.25
CA SER A 242 -12.13 21.47 28.25
C SER A 242 -11.10 22.55 28.48
N ARG A 243 -10.10 22.28 29.34
CA ARG A 243 -9.04 23.25 29.58
C ARG A 243 -8.23 23.50 28.31
N GLU A 244 -7.69 22.45 27.70
CA GLU A 244 -6.91 22.64 26.47
C GLU A 244 -7.75 23.14 25.31
N LEU A 245 -9.08 23.06 25.37
CA LEU A 245 -9.89 23.76 24.39
C LEU A 245 -10.01 25.24 24.73
N TYR A 246 -10.12 25.56 26.02
CA TYR A 246 -10.20 26.95 26.45
C TYR A 246 -8.92 27.70 26.13
N LEU A 247 -7.77 27.02 26.18
CA LEU A 247 -6.50 27.67 25.90
C LEU A 247 -6.46 28.20 24.46
N GLY A 248 -6.54 27.30 23.49
CA GLY A 248 -6.48 27.69 22.09
C GLY A 248 -6.24 26.51 21.16
N LYS A 324 -14.58 31.50 15.60
CA LYS A 324 -15.89 31.11 16.12
C LYS A 324 -15.74 30.58 17.54
N LEU A 325 -16.57 31.08 18.45
CA LEU A 325 -16.49 30.71 19.86
C LEU A 325 -17.59 29.76 20.32
N LEU A 326 -18.73 29.74 19.63
CA LEU A 326 -19.81 28.84 20.02
C LEU A 326 -19.40 27.38 19.84
N ALA A 327 -18.63 27.10 18.79
CA ALA A 327 -18.20 25.74 18.46
C ALA A 327 -17.23 25.15 19.48
N LYS A 328 -16.86 25.89 20.52
CA LYS A 328 -16.06 25.39 21.62
C LYS A 328 -16.84 25.23 22.90
N LYS A 329 -17.66 26.22 23.25
CA LYS A 329 -18.50 26.09 24.44
C LYS A 329 -19.57 25.03 24.23
N ARG A 330 -19.98 24.79 22.98
CA ARG A 330 -20.90 23.69 22.72
C ARG A 330 -20.26 22.35 23.07
N VAL A 331 -19.03 22.12 22.63
CA VAL A 331 -18.33 20.90 22.96
C VAL A 331 -18.14 20.76 24.47
N VAL A 332 -17.78 21.86 25.14
CA VAL A 332 -17.58 21.81 26.58
C VAL A 332 -18.88 21.44 27.29
N ARG A 333 -19.98 22.07 26.90
CA ARG A 333 -21.28 21.75 27.50
C ARG A 333 -21.66 20.30 27.25
N MET A 334 -21.34 19.79 26.05
CA MET A 334 -21.66 18.39 25.76
C MET A 334 -20.86 17.44 26.65
N LEU A 335 -19.58 17.75 26.88
CA LEU A 335 -18.78 16.94 27.80
C LEU A 335 -19.38 16.95 29.19
N LEU A 336 -19.82 18.13 29.65
CA LEU A 336 -20.45 18.21 30.96
C LEU A 336 -21.74 17.38 31.01
N VAL A 337 -22.53 17.42 29.94
CA VAL A 337 -23.76 16.64 29.88
C VAL A 337 -23.45 15.16 29.95
N ILE A 338 -22.42 14.71 29.23
CA ILE A 338 -22.04 13.30 29.26
C ILE A 338 -21.69 12.87 30.69
N VAL A 339 -20.83 13.65 31.34
CA VAL A 339 -20.41 13.27 32.70
C VAL A 339 -21.59 13.25 33.65
N VAL A 340 -22.43 14.29 33.60
CA VAL A 340 -23.51 14.37 34.57
C VAL A 340 -24.57 13.31 34.30
N LEU A 341 -24.78 12.93 33.04
CA LEU A 341 -25.72 11.87 32.75
C LEU A 341 -25.19 10.52 33.21
N PHE A 342 -23.89 10.27 33.07
CA PHE A 342 -23.35 9.04 33.62
C PHE A 342 -23.57 8.97 35.12
N PHE A 343 -23.23 10.05 35.84
CA PHE A 343 -23.37 10.01 37.29
C PHE A 343 -24.83 9.89 37.70
N LEU A 344 -25.71 10.67 37.08
CA LEU A 344 -27.13 10.63 37.42
C LEU A 344 -27.74 9.27 37.12
N CYS A 345 -27.41 8.69 35.96
CA CYS A 345 -27.94 7.37 35.62
C CYS A 345 -27.47 6.31 36.61
N TRP A 346 -26.15 6.09 36.71
CA TRP A 346 -25.66 4.95 37.45
C TRP A 346 -25.41 5.23 38.92
N LEU A 347 -25.87 6.35 39.47
CA LEU A 347 -25.74 6.48 40.92
C LEU A 347 -26.78 5.66 41.68
N PRO A 348 -28.09 5.86 41.44
CA PRO A 348 -29.08 5.20 42.30
C PRO A 348 -28.97 3.68 42.29
N VAL A 349 -28.63 3.08 41.15
CA VAL A 349 -28.57 1.63 41.05
C VAL A 349 -27.50 1.08 41.99
N TYR A 350 -26.30 1.65 41.93
CA TYR A 350 -25.21 1.15 42.77
C TYR A 350 -25.45 1.49 44.23
N SER A 351 -26.03 2.66 44.51
CA SER A 351 -26.37 3.00 45.89
C SER A 351 -27.34 1.97 46.47
N ALA A 352 -28.41 1.65 45.74
CA ALA A 352 -29.39 0.68 46.22
C ALA A 352 -28.79 -0.71 46.33
N ASN A 353 -27.93 -1.08 45.38
CA ASN A 353 -27.26 -2.37 45.46
C ASN A 353 -26.46 -2.50 46.75
N THR A 354 -25.68 -1.46 47.09
CA THR A 354 -24.92 -1.51 48.33
C THR A 354 -25.85 -1.52 49.55
N TRP A 355 -26.93 -0.74 49.49
CA TRP A 355 -27.92 -0.75 50.56
C TRP A 355 -28.43 -2.15 50.82
N ARG A 356 -28.78 -2.89 49.77
CA ARG A 356 -29.23 -4.27 49.94
C ARG A 356 -28.11 -5.12 50.50
N ALA A 357 -26.93 -5.06 49.88
CA ALA A 357 -25.85 -5.96 50.24
C ALA A 357 -25.44 -5.83 51.70
N PHE A 358 -25.54 -4.63 52.27
CA PHE A 358 -25.12 -4.46 53.66
C PHE A 358 -26.26 -4.73 54.64
N ASP A 359 -27.38 -4.04 54.48
CA ASP A 359 -28.45 -4.10 55.47
C ASP A 359 -29.42 -5.26 55.25
N GLY A 360 -29.47 -5.82 54.04
CA GLY A 360 -30.30 -6.97 53.77
C GLY A 360 -31.78 -6.66 53.63
N PRO A 361 -32.59 -7.18 54.56
CA PRO A 361 -34.05 -7.05 54.42
C PRO A 361 -34.57 -5.63 54.50
N GLY A 362 -33.77 -4.68 54.97
CA GLY A 362 -34.20 -3.30 55.01
C GLY A 362 -34.51 -2.76 53.63
N ALA A 363 -33.63 -3.01 52.67
CA ALA A 363 -33.85 -2.55 51.31
C ALA A 363 -35.11 -3.18 50.71
N HIS A 364 -35.31 -4.49 50.91
CA HIS A 364 -36.51 -5.13 50.40
C HIS A 364 -37.76 -4.51 51.02
N ARG A 365 -37.73 -4.26 52.32
CA ARG A 365 -38.86 -3.59 52.95
C ARG A 365 -39.03 -2.16 52.47
N ALA A 366 -37.97 -1.54 51.93
CA ALA A 366 -38.02 -0.12 51.58
C ALA A 366 -38.51 0.11 50.15
N LEU A 367 -37.88 -0.52 49.18
CA LEU A 367 -38.07 -0.21 47.77
C LEU A 367 -38.33 -1.48 46.96
N SER A 368 -39.29 -2.28 47.42
CA SER A 368 -39.51 -3.60 46.83
C SER A 368 -40.17 -3.52 45.45
N GLY A 369 -41.41 -3.06 45.41
CA GLY A 369 -42.20 -3.20 44.20
C GLY A 369 -42.07 -2.12 43.15
N ALA A 370 -42.51 -0.91 43.48
CA ALA A 370 -42.51 0.20 42.54
C ALA A 370 -41.15 0.86 42.37
N PRO A 371 -40.49 1.32 43.43
CA PRO A 371 -39.32 2.19 43.22
C PRO A 371 -38.21 1.56 42.42
N ILE A 372 -37.82 0.32 42.76
CA ILE A 372 -36.64 -0.25 42.13
C ILE A 372 -36.83 -0.38 40.62
N SER A 373 -38.09 -0.48 40.17
CA SER A 373 -38.31 -0.49 38.73
C SER A 373 -37.92 0.84 38.11
N PHE A 374 -38.29 1.95 38.76
CA PHE A 374 -37.88 3.27 38.26
C PHE A 374 -36.37 3.45 38.36
N ILE A 375 -35.74 2.87 39.37
CA ILE A 375 -34.28 2.97 39.50
C ILE A 375 -33.60 2.26 38.34
N HIS A 376 -34.04 1.03 38.04
CA HIS A 376 -33.50 0.34 36.87
C HIS A 376 -33.87 1.04 35.57
N LEU A 377 -34.99 1.76 35.56
CA LEU A 377 -35.34 2.58 34.41
C LEU A 377 -34.30 3.68 34.20
N LEU A 378 -33.95 4.39 35.26
CA LEU A 378 -32.84 5.34 35.20
C LEU A 378 -31.58 4.66 34.66
N SER A 379 -31.25 3.49 35.20
CA SER A 379 -30.07 2.76 34.75
C SER A 379 -30.08 2.55 33.24
N TYR A 380 -31.16 1.96 32.72
CA TYR A 380 -31.23 1.63 31.30
C TYR A 380 -31.48 2.85 30.42
N ALA A 381 -31.79 4.01 31.01
CA ALA A 381 -31.90 5.22 30.21
C ALA A 381 -30.57 5.57 29.53
N SER A 382 -29.45 5.09 30.06
CA SER A 382 -28.18 5.29 29.38
C SER A 382 -28.14 4.53 28.06
N ALA A 383 -28.96 3.48 27.92
CA ALA A 383 -29.03 2.75 26.66
C ALA A 383 -29.58 3.62 25.53
N CYS A 384 -30.48 4.54 25.84
CA CYS A 384 -30.96 5.51 24.87
C CYS A 384 -30.12 6.77 24.84
N VAL A 385 -29.39 7.07 25.92
CA VAL A 385 -28.58 8.28 25.96
C VAL A 385 -27.32 8.11 25.10
N ASN A 386 -26.55 7.03 25.32
CA ASN A 386 -25.26 6.84 24.66
C ASN A 386 -25.29 7.05 23.15
N PRO A 387 -26.12 6.36 22.36
CA PRO A 387 -26.09 6.60 20.91
C PRO A 387 -26.58 7.98 20.53
N LEU A 388 -27.51 8.56 21.30
CA LEU A 388 -28.03 9.87 20.96
C LEU A 388 -26.95 10.95 21.12
N VAL A 389 -26.16 10.88 22.18
CA VAL A 389 -25.16 11.92 22.45
C VAL A 389 -23.82 11.61 21.81
N TYR A 390 -23.56 10.36 21.41
CA TYR A 390 -22.29 10.01 20.80
C TYR A 390 -22.36 9.88 19.28
N CYS A 391 -23.46 9.36 18.72
CA CYS A 391 -23.55 9.09 17.29
C CYS A 391 -24.64 9.87 16.59
N PHE A 392 -25.85 9.89 17.11
CA PHE A 392 -26.97 10.47 16.39
C PHE A 392 -26.94 11.99 16.34
N MET A 393 -26.01 12.63 17.02
CA MET A 393 -25.74 14.04 16.80
C MET A 393 -24.55 14.16 15.85
N HIS A 394 -24.02 15.38 15.73
CA HIS A 394 -22.74 15.64 15.08
C HIS A 394 -22.78 15.46 13.57
N ARG A 395 -23.96 15.60 12.95
CA ARG A 395 -24.13 15.52 11.50
C ARG A 395 -23.71 14.17 10.93
N ARG A 396 -23.48 13.17 11.78
CA ARG A 396 -23.13 11.84 11.28
C ARG A 396 -24.34 11.13 10.70
N PHE A 397 -25.55 11.48 11.16
CA PHE A 397 -26.77 10.82 10.71
C PHE A 397 -27.02 11.00 9.21
N ARG A 398 -26.30 11.91 8.55
CA ARG A 398 -26.37 11.97 7.10
C ARG A 398 -25.91 10.66 6.48
N GLN A 399 -24.91 10.02 7.09
CA GLN A 399 -24.45 8.72 6.58
C GLN A 399 -25.49 7.64 6.81
N ALA A 400 -26.21 7.70 7.92
CA ALA A 400 -27.27 6.73 8.18
C ALA A 400 -28.41 6.90 7.18
N CYS A 401 -28.86 8.14 6.99
CA CYS A 401 -29.89 8.41 5.97
C CYS A 401 -29.40 8.04 4.57
N LEU A 402 -28.10 8.16 4.32
CA LEU A 402 -27.53 7.74 3.05
C LEU A 402 -27.60 6.23 2.88
N GLU A 403 -27.56 5.49 3.97
CA GLU A 403 -27.58 4.03 3.91
C GLU A 403 -28.98 3.52 3.65
N GLU B 8 10.62 37.60 -43.25
CA GLU B 8 11.16 37.17 -41.97
C GLU B 8 10.23 36.18 -41.28
N LEU B 9 9.64 36.60 -40.16
CA LEU B 9 8.74 35.73 -39.43
C LEU B 9 7.39 35.59 -40.14
N ASP B 10 6.95 36.66 -40.81
CA ASP B 10 5.64 36.65 -41.46
C ASP B 10 5.58 35.61 -42.58
N GLN B 11 6.63 35.56 -43.41
CA GLN B 11 6.65 34.58 -44.50
C GLN B 11 6.64 33.16 -43.97
N LEU B 12 7.41 32.90 -42.91
CA LEU B 12 7.46 31.55 -42.33
C LEU B 12 6.10 31.17 -41.75
N ARG B 13 5.47 32.10 -41.03
CA ARG B 13 4.14 31.81 -40.48
C ARG B 13 3.13 31.54 -41.57
N GLN B 14 3.16 32.34 -42.64
CA GLN B 14 2.21 32.15 -43.74
C GLN B 14 2.44 30.81 -44.43
N GLU B 15 3.71 30.44 -44.67
CA GLU B 15 4.01 29.16 -45.28
C GLU B 15 3.58 28.00 -44.39
N ALA B 16 3.78 28.13 -43.08
CA ALA B 16 3.37 27.08 -42.16
C ALA B 16 1.85 26.92 -42.18
N GLU B 17 1.11 28.02 -42.15
CA GLU B 17 -0.36 27.92 -42.19
C GLU B 17 -0.84 27.32 -43.50
N GLN B 18 -0.27 27.76 -44.62
CA GLN B 18 -0.66 27.23 -45.92
C GLN B 18 -0.39 25.73 -46.01
N LEU B 19 0.78 25.29 -45.55
CA LEU B 19 1.12 23.88 -45.63
C LEU B 19 0.28 23.07 -44.64
N LYS B 20 -0.11 23.67 -43.52
CA LYS B 20 -1.02 22.99 -42.60
C LYS B 20 -2.38 22.76 -43.24
N ASN B 21 -2.90 23.77 -43.94
CA ASN B 21 -4.13 23.56 -44.69
C ASN B 21 -3.94 22.52 -45.79
N GLN B 22 -2.76 22.52 -46.42
CA GLN B 22 -2.46 21.52 -47.44
C GLN B 22 -2.53 20.10 -46.89
N ILE B 23 -1.85 19.85 -45.76
CA ILE B 23 -1.82 18.50 -45.19
C ILE B 23 -3.20 18.12 -44.66
N ARG B 24 -3.95 19.09 -44.14
CA ARG B 24 -5.32 18.81 -43.70
C ARG B 24 -6.17 18.34 -44.88
N ASP B 25 -6.16 19.10 -45.98
CA ASP B 25 -6.94 18.71 -47.14
C ASP B 25 -6.44 17.40 -47.74
N ALA B 26 -5.15 17.12 -47.59
CA ALA B 26 -4.59 15.86 -48.09
C ALA B 26 -5.15 14.67 -47.29
N ARG B 27 -5.02 14.73 -45.96
CA ARG B 27 -5.56 13.66 -45.13
C ARG B 27 -7.07 13.60 -45.14
N LYS B 28 -7.74 14.65 -45.64
CA LYS B 28 -9.16 14.58 -45.90
C LYS B 28 -9.49 13.97 -47.26
N ALA B 29 -8.57 14.07 -48.24
CA ALA B 29 -8.85 13.53 -49.57
C ALA B 29 -8.96 12.01 -49.54
N CYS B 30 -8.05 11.33 -48.84
CA CYS B 30 -8.05 9.88 -48.76
C CYS B 30 -8.87 9.38 -47.57
N ALA B 31 -10.12 9.84 -47.49
CA ALA B 31 -11.05 9.45 -46.43
C ALA B 31 -12.33 8.96 -47.10
N ASP B 32 -12.40 7.65 -47.35
CA ASP B 32 -13.49 7.10 -48.15
C ASP B 32 -14.74 6.84 -47.32
N ALA B 33 -14.61 6.07 -46.24
CA ALA B 33 -15.77 5.70 -45.45
C ALA B 33 -15.33 5.39 -44.02
N THR B 34 -16.28 5.47 -43.10
CA THR B 34 -15.99 5.29 -41.69
C THR B 34 -15.80 3.82 -41.34
N LEU B 35 -15.27 3.58 -40.14
CA LEU B 35 -15.15 2.21 -39.65
C LEU B 35 -16.47 1.69 -39.09
N SER B 36 -17.35 2.59 -38.64
CA SER B 36 -18.62 2.20 -38.07
C SER B 36 -19.57 1.58 -39.08
N GLN B 37 -19.24 1.60 -40.36
CA GLN B 37 -20.04 0.97 -41.41
C GLN B 37 -19.43 -0.34 -41.88
N ILE B 38 -18.11 -0.38 -42.06
CA ILE B 38 -17.43 -1.60 -42.50
C ILE B 38 -17.54 -2.73 -41.48
N THR B 39 -17.89 -2.42 -40.23
CA THR B 39 -18.06 -3.42 -39.18
C THR B 39 -19.52 -3.55 -38.78
N ASN B 40 -20.41 -3.49 -39.76
CA ASN B 40 -21.83 -3.73 -39.50
C ASN B 40 -22.18 -5.21 -39.58
N ASN B 41 -21.58 -5.93 -40.52
CA ASN B 41 -21.79 -7.37 -40.68
C ASN B 41 -20.84 -8.16 -39.80
N ILE B 42 -20.84 -7.87 -38.50
CA ILE B 42 -20.00 -8.54 -37.52
C ILE B 42 -20.83 -8.83 -36.29
N ASP B 43 -20.81 -10.08 -35.84
CA ASP B 43 -21.58 -10.47 -34.67
C ASP B 43 -20.99 -9.82 -33.42
N PRO B 44 -21.80 -9.19 -32.58
CA PRO B 44 -21.26 -8.57 -31.36
C PRO B 44 -20.66 -9.61 -30.42
N VAL B 45 -19.78 -9.14 -29.54
CA VAL B 45 -19.12 -10.02 -28.59
C VAL B 45 -19.99 -10.34 -27.38
N GLY B 46 -21.09 -9.65 -27.22
CA GLY B 46 -21.99 -9.89 -26.08
C GLY B 46 -21.61 -9.02 -24.89
N ARG B 47 -21.47 -9.63 -23.73
CA ARG B 47 -21.11 -8.92 -22.51
C ARG B 47 -20.12 -9.77 -21.73
N ILE B 48 -18.93 -9.22 -21.50
CA ILE B 48 -17.85 -9.93 -20.81
C ILE B 48 -17.85 -9.49 -19.35
N GLN B 49 -18.07 -10.44 -18.45
CA GLN B 49 -18.02 -10.19 -17.02
C GLN B 49 -16.83 -10.94 -16.45
N MET B 50 -15.94 -10.21 -15.78
CA MET B 50 -14.71 -10.78 -15.23
C MET B 50 -14.72 -10.62 -13.72
N ARG B 51 -14.16 -11.61 -13.02
CA ARG B 51 -14.16 -11.65 -11.57
C ARG B 51 -12.74 -11.61 -11.05
N THR B 52 -12.54 -10.89 -9.95
CA THR B 52 -11.19 -10.64 -9.43
C THR B 52 -10.61 -11.94 -8.87
N ARG B 53 -9.75 -12.57 -9.68
CA ARG B 53 -9.17 -13.84 -9.27
C ARG B 53 -8.11 -13.65 -8.20
N ARG B 54 -7.35 -12.56 -8.25
CA ARG B 54 -6.35 -12.28 -7.22
C ARG B 54 -6.55 -10.89 -6.65
N THR B 55 -5.89 -10.64 -5.52
CA THR B 55 -5.86 -9.30 -4.92
C THR B 55 -4.53 -9.17 -4.20
N LEU B 56 -3.60 -8.43 -4.80
CA LEU B 56 -2.24 -8.31 -4.30
C LEU B 56 -2.17 -7.12 -3.35
N ARG B 57 -1.95 -7.38 -2.07
CA ARG B 57 -1.89 -6.33 -1.07
C ARG B 57 -0.56 -6.39 -0.33
N GLY B 58 -0.18 -5.25 0.24
CA GLY B 58 1.11 -5.11 0.88
C GLY B 58 1.71 -3.73 0.69
N HIS B 59 1.13 -2.95 -0.21
CA HIS B 59 1.50 -1.54 -0.34
C HIS B 59 0.79 -0.73 0.72
N LEU B 60 1.42 0.36 1.15
CA LEU B 60 0.89 1.20 2.22
C LEU B 60 0.59 2.62 1.77
N ALA B 61 0.44 2.83 0.47
CA ALA B 61 0.11 4.14 -0.08
C ALA B 61 -0.46 3.93 -1.48
N LYS B 62 -0.62 5.02 -2.22
CA LYS B 62 -1.11 4.90 -3.59
C LYS B 62 -0.15 4.07 -4.43
N ILE B 63 -0.69 3.48 -5.49
CA ILE B 63 0.09 2.72 -6.45
C ILE B 63 0.03 3.49 -7.76
N TYR B 64 1.19 3.93 -8.24
CA TYR B 64 1.20 4.85 -9.37
C TYR B 64 1.52 4.20 -10.71
N ALA B 65 2.20 3.06 -10.71
CA ALA B 65 2.50 2.38 -11.96
C ALA B 65 2.50 0.87 -11.72
N MET B 66 2.65 0.13 -12.81
CA MET B 66 2.58 -1.33 -12.80
C MET B 66 3.00 -1.81 -14.18
N HIS B 67 3.69 -2.96 -14.22
CA HIS B 67 4.14 -3.51 -15.49
C HIS B 67 4.27 -5.01 -15.36
N TRP B 68 3.92 -5.73 -16.42
CA TRP B 68 3.98 -7.17 -16.45
C TRP B 68 5.32 -7.65 -17.00
N GLY B 69 5.80 -8.76 -16.46
CA GLY B 69 6.92 -9.44 -17.06
C GLY B 69 6.52 -10.21 -18.30
N THR B 70 7.47 -10.38 -19.22
CA THR B 70 7.14 -11.03 -20.48
C THR B 70 6.77 -12.49 -20.32
N ASP B 71 7.15 -13.12 -19.20
CA ASP B 71 6.65 -14.45 -18.90
C ASP B 71 5.22 -14.44 -18.38
N SER B 72 4.59 -13.27 -18.30
CA SER B 72 3.19 -13.09 -17.94
C SER B 72 2.88 -13.59 -16.53
N ARG B 73 3.90 -13.73 -15.68
CA ARG B 73 3.69 -14.22 -14.33
C ARG B 73 4.09 -13.20 -13.27
N LEU B 74 5.26 -12.59 -13.40
CA LEU B 74 5.71 -11.60 -12.43
C LEU B 74 5.26 -10.20 -12.86
N LEU B 75 5.15 -9.31 -11.87
CA LEU B 75 4.82 -7.92 -12.19
C LEU B 75 5.36 -6.99 -11.12
N VAL B 76 5.98 -5.91 -11.54
CA VAL B 76 6.45 -4.86 -10.64
C VAL B 76 5.31 -3.88 -10.38
N SER B 77 5.37 -3.22 -9.24
CA SER B 77 4.46 -2.15 -8.91
C SER B 77 5.18 -1.13 -8.05
N ALA B 78 5.01 0.15 -8.38
CA ALA B 78 5.71 1.23 -7.71
C ALA B 78 4.71 2.08 -6.93
N SER B 79 5.03 2.36 -5.68
CA SER B 79 4.12 3.08 -4.80
C SER B 79 4.78 4.34 -4.26
N GLN B 80 3.94 5.23 -3.73
CA GLN B 80 4.41 6.49 -3.18
C GLN B 80 4.97 6.36 -1.77
N ASP B 81 4.97 5.17 -1.18
CA ASP B 81 5.56 4.97 0.13
C ASP B 81 7.03 4.60 0.05
N GLY B 82 7.65 4.79 -1.12
CA GLY B 82 9.07 4.50 -1.26
C GLY B 82 9.40 3.06 -1.56
N LYS B 83 8.47 2.32 -2.15
CA LYS B 83 8.68 0.89 -2.40
C LYS B 83 8.37 0.55 -3.85
N LEU B 84 9.11 -0.43 -4.35
CA LEU B 84 8.88 -1.01 -5.67
C LEU B 84 8.87 -2.51 -5.46
N ILE B 85 7.71 -3.13 -5.50
CA ILE B 85 7.54 -4.53 -5.11
C ILE B 85 7.35 -5.37 -6.36
N ILE B 86 7.99 -6.55 -6.39
CA ILE B 86 7.89 -7.45 -7.54
C ILE B 86 7.07 -8.68 -7.15
N TRP B 87 5.78 -8.66 -7.48
CA TRP B 87 4.88 -9.74 -7.11
C TRP B 87 4.98 -10.90 -8.09
N ASP B 88 4.71 -12.10 -7.57
CA ASP B 88 4.55 -13.31 -8.36
C ASP B 88 3.04 -13.54 -8.43
N SER B 89 2.44 -13.17 -9.56
CA SER B 89 0.99 -13.04 -9.62
C SER B 89 0.26 -14.36 -9.44
N TYR B 90 0.88 -15.48 -9.82
CA TYR B 90 0.19 -16.76 -9.72
C TYR B 90 -0.11 -17.13 -8.27
N THR B 91 0.87 -16.97 -7.39
CA THR B 91 0.73 -17.36 -5.99
C THR B 91 0.75 -16.17 -5.04
N THR B 92 0.74 -14.94 -5.55
CA THR B 92 0.65 -13.68 -4.80
C THR B 92 1.86 -13.40 -3.92
N ASN B 93 2.89 -14.24 -3.95
CA ASN B 93 4.08 -13.99 -3.15
C ASN B 93 4.75 -12.69 -3.56
N LYS B 94 5.68 -12.24 -2.71
CA LYS B 94 6.58 -11.16 -3.07
C LYS B 94 7.95 -11.74 -3.35
N VAL B 95 8.59 -11.27 -4.41
CA VAL B 95 9.92 -11.72 -4.80
C VAL B 95 10.99 -10.73 -4.36
N HIS B 96 10.72 -9.44 -4.49
CA HIS B 96 11.62 -8.40 -4.05
C HIS B 96 10.79 -7.21 -3.60
N ALA B 97 11.37 -6.41 -2.70
CA ALA B 97 10.78 -5.14 -2.28
C ALA B 97 11.91 -4.12 -2.26
N ILE B 98 12.11 -3.46 -3.39
CA ILE B 98 13.21 -2.52 -3.57
C ILE B 98 12.87 -1.21 -2.87
N PRO B 99 13.73 -0.72 -1.98
CA PRO B 99 13.53 0.62 -1.40
C PRO B 99 14.21 1.69 -2.23
N LEU B 100 13.43 2.71 -2.57
CA LEU B 100 13.90 3.77 -3.45
C LEU B 100 14.58 4.87 -2.66
N ARG B 101 15.32 5.72 -3.36
CA ARG B 101 15.98 6.86 -2.74
C ARG B 101 15.04 8.06 -2.65
N SER B 102 14.32 8.36 -3.72
CA SER B 102 13.27 9.37 -3.72
C SER B 102 11.94 8.66 -3.83
N SER B 103 11.08 8.85 -2.84
CA SER B 103 9.81 8.14 -2.76
C SER B 103 8.71 8.78 -3.59
N TRP B 104 9.03 9.76 -4.43
CA TRP B 104 8.06 10.39 -5.32
C TRP B 104 8.21 9.78 -6.70
N VAL B 105 7.62 8.61 -6.90
CA VAL B 105 7.70 7.90 -8.18
C VAL B 105 6.35 7.99 -8.87
N MET B 106 6.40 8.04 -10.20
CA MET B 106 5.20 8.09 -11.01
C MET B 106 5.22 7.13 -12.19
N THR B 107 6.23 6.27 -12.28
CA THR B 107 6.35 5.33 -13.38
C THR B 107 7.11 4.11 -12.91
N CYS B 108 7.11 3.07 -13.75
CA CYS B 108 7.76 1.80 -13.43
C CYS B 108 7.78 0.96 -14.71
N ALA B 109 8.85 0.19 -14.89
CA ALA B 109 8.99 -0.64 -16.07
C ALA B 109 9.74 -1.91 -15.71
N TYR B 110 9.57 -2.93 -16.55
CA TYR B 110 10.19 -4.24 -16.35
C TYR B 110 10.85 -4.62 -17.67
N ALA B 111 12.08 -5.12 -17.61
CA ALA B 111 12.81 -5.40 -18.83
C ALA B 111 12.22 -6.60 -19.57
N PRO B 112 12.31 -6.62 -20.90
CA PRO B 112 11.76 -7.77 -21.63
C PRO B 112 12.46 -9.07 -21.29
N SER B 113 13.77 -9.04 -21.09
CA SER B 113 14.48 -10.24 -20.67
C SER B 113 14.12 -10.63 -19.25
N GLY B 114 13.83 -9.66 -18.40
CA GLY B 114 13.50 -9.92 -17.01
C GLY B 114 14.63 -9.70 -16.04
N ASN B 115 15.68 -9.00 -16.44
CA ASN B 115 16.84 -8.76 -15.58
C ASN B 115 16.75 -7.45 -14.82
N TYR B 116 16.36 -6.37 -15.49
CA TYR B 116 16.34 -5.05 -14.90
C TYR B 116 14.92 -4.60 -14.58
N VAL B 117 14.82 -3.57 -13.75
CA VAL B 117 13.62 -2.76 -13.61
C VAL B 117 14.04 -1.30 -13.62
N ALA B 118 13.07 -0.41 -13.82
CA ALA B 118 13.36 1.01 -13.90
C ALA B 118 12.24 1.79 -13.23
N CYS B 119 12.59 2.92 -12.63
CA CYS B 119 11.58 3.79 -12.04
C CYS B 119 12.09 5.21 -11.98
N GLY B 120 11.17 6.15 -12.15
CA GLY B 120 11.49 7.56 -12.04
C GLY B 120 10.28 8.33 -11.59
N GLY B 121 10.51 9.57 -11.19
CA GLY B 121 9.44 10.36 -10.63
C GLY B 121 9.71 11.85 -10.64
N LEU B 122 9.36 12.52 -9.55
CA LEU B 122 9.56 13.96 -9.42
C LEU B 122 11.02 14.33 -9.20
N ASP B 123 11.90 13.36 -8.98
CA ASP B 123 13.31 13.65 -8.79
C ASP B 123 14.09 13.80 -10.10
N ASN B 124 13.41 13.71 -11.25
CA ASN B 124 13.96 13.92 -12.58
C ASN B 124 14.91 12.82 -13.04
N ILE B 125 15.09 11.77 -12.24
CA ILE B 125 16.12 10.78 -12.48
C ILE B 125 15.45 9.42 -12.69
N CYS B 126 15.89 8.68 -13.70
CA CYS B 126 15.38 7.34 -13.96
C CYS B 126 16.42 6.35 -13.43
N SER B 127 16.10 5.70 -12.31
CA SER B 127 17.00 4.73 -11.72
C SER B 127 16.70 3.35 -12.29
N ILE B 128 17.75 2.57 -12.52
CA ILE B 128 17.65 1.25 -13.12
C ILE B 128 18.25 0.25 -12.16
N TYR B 129 17.41 -0.63 -11.61
CA TYR B 129 17.83 -1.62 -10.64
C TYR B 129 18.09 -2.95 -11.32
N ASN B 130 19.17 -3.60 -10.92
CA ASN B 130 19.62 -4.87 -11.50
C ASN B 130 19.23 -6.00 -10.57
N LEU B 131 18.27 -6.82 -11.01
CA LEU B 131 17.73 -7.88 -10.17
C LEU B 131 18.63 -9.12 -10.16
N LYS B 132 18.99 -9.62 -11.35
CA LYS B 132 19.75 -10.85 -11.47
C LYS B 132 21.24 -10.52 -11.34
N THR B 133 21.69 -10.43 -10.09
CA THR B 133 23.08 -10.19 -9.76
C THR B 133 23.53 -11.20 -8.72
N ARG B 134 24.83 -11.23 -8.47
CA ARG B 134 25.37 -11.98 -7.36
C ARG B 134 25.08 -11.21 -6.07
N GLU B 135 25.62 -11.69 -4.96
CA GLU B 135 25.46 -11.02 -3.66
C GLU B 135 24.01 -11.00 -3.20
N GLY B 136 23.11 -11.59 -3.99
CA GLY B 136 21.71 -11.72 -3.62
C GLY B 136 20.96 -10.44 -3.32
N ASN B 137 21.60 -9.29 -3.56
CA ASN B 137 21.00 -8.01 -3.27
C ASN B 137 20.37 -7.46 -4.55
N VAL B 138 19.81 -6.25 -4.47
CA VAL B 138 19.22 -5.57 -5.61
C VAL B 138 19.68 -4.12 -5.57
N ARG B 139 20.66 -3.79 -6.40
CA ARG B 139 21.32 -2.50 -6.33
C ARG B 139 21.11 -1.72 -7.62
N VAL B 140 21.14 -0.39 -7.49
CA VAL B 140 20.96 0.48 -8.64
C VAL B 140 22.13 0.30 -9.60
N SER B 141 21.82 -0.02 -10.85
CA SER B 141 22.86 -0.17 -11.86
C SER B 141 23.29 1.20 -12.39
N ARG B 142 22.34 1.98 -12.88
CA ARG B 142 22.60 3.34 -13.32
C ARG B 142 21.49 4.26 -12.83
N GLU B 143 21.77 5.56 -12.87
CA GLU B 143 20.81 6.61 -12.54
C GLU B 143 20.84 7.59 -13.71
N LEU B 144 20.02 7.33 -14.71
CA LEU B 144 19.99 8.15 -15.92
C LEU B 144 19.39 9.51 -15.58
N ALA B 145 20.22 10.55 -15.60
CA ALA B 145 19.81 11.91 -15.31
C ALA B 145 20.09 12.81 -16.51
N GLY B 146 19.36 13.90 -16.59
CA GLY B 146 19.50 14.82 -17.69
C GLY B 146 18.20 15.46 -18.11
N HIS B 147 17.09 14.96 -17.58
CA HIS B 147 15.80 15.56 -17.81
C HIS B 147 15.59 16.75 -16.89
N THR B 148 14.63 17.61 -17.26
CA THR B 148 14.33 18.81 -16.50
C THR B 148 13.09 18.69 -15.63
N GLY B 149 12.00 18.15 -16.17
CA GLY B 149 10.79 17.92 -15.41
C GLY B 149 10.69 16.48 -14.93
N TYR B 150 9.54 16.17 -14.34
CA TYR B 150 9.32 14.81 -13.85
C TYR B 150 9.28 13.84 -15.02
N LEU B 151 9.46 12.55 -14.72
CA LEU B 151 9.38 11.52 -15.74
C LEU B 151 8.01 10.84 -15.65
N SER B 152 7.27 10.87 -16.74
CA SER B 152 5.93 10.29 -16.72
C SER B 152 5.93 8.83 -17.11
N CYS B 153 6.74 8.43 -18.08
CA CYS B 153 6.77 7.05 -18.53
C CYS B 153 8.18 6.68 -18.95
N CYS B 154 8.47 5.38 -18.95
CA CYS B 154 9.76 4.87 -19.35
C CYS B 154 9.59 3.41 -19.74
N ARG B 155 10.04 3.06 -20.94
CA ARG B 155 9.80 1.73 -21.50
C ARG B 155 11.10 1.15 -22.03
N PHE B 156 11.46 -0.04 -21.55
CA PHE B 156 12.66 -0.72 -22.01
C PHE B 156 12.50 -1.16 -23.46
N LEU B 157 13.61 -1.12 -24.20
CA LEU B 157 13.71 -1.78 -25.50
C LEU B 157 14.57 -3.02 -25.43
N ASP B 158 15.81 -2.89 -24.97
CA ASP B 158 16.68 -4.02 -24.71
C ASP B 158 17.20 -3.92 -23.28
N ASP B 159 18.14 -4.79 -22.91
CA ASP B 159 18.80 -4.65 -21.62
C ASP B 159 19.77 -3.47 -21.59
N ASN B 160 19.91 -2.72 -22.69
CA ASN B 160 20.92 -1.68 -22.78
C ASN B 160 20.39 -0.39 -23.41
N GLN B 161 19.07 -0.28 -23.60
CA GLN B 161 18.48 0.94 -24.15
C GLN B 161 17.13 1.16 -23.49
N ILE B 162 16.76 2.43 -23.32
CA ILE B 162 15.49 2.75 -22.67
C ILE B 162 15.00 4.11 -23.15
N VAL B 163 13.73 4.19 -23.49
CA VAL B 163 13.11 5.46 -23.88
C VAL B 163 12.36 6.02 -22.68
N THR B 164 12.58 7.30 -22.40
CA THR B 164 11.91 8.01 -21.31
C THR B 164 11.18 9.22 -21.88
N SER B 165 10.14 9.64 -21.17
CA SER B 165 9.38 10.83 -21.56
C SER B 165 9.16 11.67 -20.32
N SER B 166 9.44 12.96 -20.41
CA SER B 166 9.47 13.80 -19.22
C SER B 166 8.56 15.01 -19.38
N GLY B 167 8.23 15.61 -18.25
CA GLY B 167 7.39 16.79 -18.22
C GLY B 167 8.04 18.06 -18.74
N ASP B 168 9.27 17.99 -19.23
CA ASP B 168 9.90 19.12 -19.89
C ASP B 168 9.71 19.09 -21.40
N THR B 169 8.63 18.44 -21.86
CA THR B 169 8.19 18.44 -23.25
C THR B 169 9.15 17.68 -24.17
N THR B 170 9.89 16.71 -23.64
CA THR B 170 10.84 15.96 -24.45
C THR B 170 10.82 14.48 -24.08
N CYS B 171 11.14 13.66 -25.08
CA CYS B 171 11.48 12.27 -24.88
C CYS B 171 12.97 12.05 -25.15
N ALA B 172 13.51 10.97 -24.65
CA ALA B 172 14.93 10.68 -24.79
C ALA B 172 15.15 9.19 -24.92
N LEU B 173 16.23 8.82 -25.61
CA LEU B 173 16.64 7.44 -25.78
C LEU B 173 18.00 7.27 -25.14
N TRP B 174 18.03 6.65 -23.96
CA TRP B 174 19.24 6.47 -23.19
C TRP B 174 19.88 5.13 -23.49
N ASP B 175 21.21 5.15 -23.61
CA ASP B 175 22.03 3.94 -23.63
C ASP B 175 22.49 3.68 -22.19
N ILE B 176 21.96 2.62 -21.59
CA ILE B 176 22.21 2.38 -20.16
C ILE B 176 23.69 2.19 -19.90
N GLU B 177 24.40 1.56 -20.84
CA GLU B 177 25.82 1.25 -20.62
C GLU B 177 26.63 2.53 -20.38
N THR B 178 26.69 3.40 -21.38
CA THR B 178 27.41 4.65 -21.23
C THR B 178 26.75 5.54 -20.17
N GLY B 179 25.49 5.89 -20.39
CA GLY B 179 24.73 6.67 -19.43
C GLY B 179 24.18 7.98 -19.94
N GLN B 180 24.22 8.26 -21.24
CA GLN B 180 23.79 9.55 -21.76
C GLN B 180 22.81 9.36 -22.91
N GLN B 181 22.06 10.43 -23.19
CA GLN B 181 21.10 10.41 -24.29
C GLN B 181 21.80 10.17 -25.62
N THR B 182 21.31 9.20 -26.37
CA THR B 182 21.74 9.00 -27.74
C THR B 182 20.84 9.68 -28.75
N THR B 183 19.62 10.03 -28.37
CA THR B 183 18.70 10.75 -29.23
C THR B 183 17.70 11.49 -28.34
N THR B 184 17.36 12.72 -28.73
CA THR B 184 16.39 13.54 -28.01
C THR B 184 15.24 13.86 -28.94
N PHE B 185 14.06 13.34 -28.63
CA PHE B 185 12.86 13.59 -29.41
C PHE B 185 12.17 14.84 -28.87
N THR B 186 12.15 15.89 -29.69
CA THR B 186 11.52 17.15 -29.36
C THR B 186 10.50 17.51 -30.44
N GLY B 187 9.58 18.40 -30.09
CA GLY B 187 8.53 18.80 -31.00
C GLY B 187 7.21 19.01 -30.31
N HIS B 188 7.04 18.36 -29.15
CA HIS B 188 5.84 18.57 -28.35
C HIS B 188 5.82 19.97 -27.79
N THR B 189 4.62 20.40 -27.38
CA THR B 189 4.43 21.73 -26.78
C THR B 189 4.14 21.65 -25.29
N GLY B 190 3.17 20.83 -24.89
CA GLY B 190 2.89 20.59 -23.49
C GLY B 190 3.73 19.46 -22.94
N ASP B 191 3.38 19.03 -21.73
CA ASP B 191 4.08 17.93 -21.09
C ASP B 191 3.93 16.66 -21.92
N VAL B 192 4.66 15.62 -21.55
CA VAL B 192 4.52 14.30 -22.16
C VAL B 192 4.11 13.35 -21.05
N MET B 193 2.85 12.90 -21.08
CA MET B 193 2.28 12.15 -19.98
C MET B 193 2.37 10.64 -20.14
N SER B 194 2.51 10.14 -21.36
CA SER B 194 2.55 8.69 -21.57
C SER B 194 3.16 8.38 -22.92
N LEU B 195 3.54 7.11 -23.06
CA LEU B 195 4.38 6.66 -24.16
C LEU B 195 4.15 5.16 -24.33
N SER B 196 4.28 4.68 -25.57
CA SER B 196 4.11 3.26 -25.82
C SER B 196 4.86 2.87 -27.08
N LEU B 197 5.53 1.73 -27.01
CA LEU B 197 6.39 1.26 -28.10
C LEU B 197 5.63 0.33 -29.03
N ALA B 198 6.04 0.34 -30.30
CA ALA B 198 5.50 -0.60 -31.27
C ALA B 198 5.91 -2.02 -30.89
N PRO B 199 5.14 -3.02 -31.31
CA PRO B 199 5.49 -4.41 -30.96
C PRO B 199 6.83 -4.86 -31.52
N ASP B 200 7.34 -4.20 -32.56
CA ASP B 200 8.64 -4.52 -33.13
C ASP B 200 9.72 -3.53 -32.70
N THR B 201 9.39 -2.55 -31.88
CA THR B 201 10.34 -1.61 -31.27
C THR B 201 11.16 -0.87 -32.34
N ARG B 202 10.48 -0.38 -33.37
CA ARG B 202 11.09 0.51 -34.35
C ARG B 202 10.40 1.87 -34.40
N LEU B 203 9.21 2.01 -33.84
CA LEU B 203 8.52 3.27 -33.68
C LEU B 203 7.92 3.31 -32.28
N PHE B 204 7.43 4.48 -31.89
CA PHE B 204 6.69 4.56 -30.64
C PHE B 204 5.85 5.83 -30.62
N VAL B 205 4.71 5.75 -29.97
CA VAL B 205 3.80 6.86 -29.87
C VAL B 205 3.94 7.51 -28.48
N SER B 206 3.66 8.80 -28.43
CA SER B 206 3.76 9.55 -27.18
C SER B 206 2.63 10.57 -27.13
N GLY B 207 1.96 10.64 -25.99
CA GLY B 207 0.81 11.53 -25.80
C GLY B 207 1.17 12.70 -24.91
N ALA B 208 0.76 13.90 -25.33
CA ALA B 208 1.13 15.14 -24.68
C ALA B 208 -0.09 15.83 -24.11
N CYS B 209 0.15 16.88 -23.33
CA CYS B 209 -0.93 17.65 -22.73
C CYS B 209 -1.48 18.74 -23.64
N ASP B 210 -1.00 18.85 -24.88
CA ASP B 210 -1.55 19.82 -25.82
C ASP B 210 -2.58 19.19 -26.76
N ALA B 211 -3.21 18.10 -26.34
CA ALA B 211 -4.24 17.41 -27.12
C ALA B 211 -3.68 16.95 -28.47
N SER B 212 -2.61 16.16 -28.40
CA SER B 212 -1.99 15.62 -29.60
C SER B 212 -1.05 14.49 -29.20
N ALA B 213 -1.04 13.45 -30.03
CA ALA B 213 -0.10 12.35 -29.89
C ALA B 213 0.78 12.29 -31.13
N LYS B 214 2.01 11.82 -30.95
CA LYS B 214 2.99 11.81 -32.02
C LYS B 214 3.59 10.43 -32.19
N LEU B 215 4.04 10.15 -33.41
CA LEU B 215 4.70 8.90 -33.78
C LEU B 215 6.17 9.21 -34.04
N TRP B 216 7.04 8.66 -33.20
CA TRP B 216 8.48 8.89 -33.28
C TRP B 216 9.17 7.67 -33.87
N ASP B 217 10.17 7.92 -34.71
CA ASP B 217 11.00 6.88 -35.29
C ASP B 217 12.29 6.79 -34.48
N VAL B 218 12.50 5.64 -33.84
CA VAL B 218 13.69 5.46 -32.99
C VAL B 218 14.97 5.59 -33.80
N ARG B 219 14.98 5.03 -35.02
CA ARG B 219 16.19 5.02 -35.82
C ARG B 219 16.65 6.43 -36.17
N GLU B 220 15.83 7.17 -36.91
CA GLU B 220 16.22 8.53 -37.31
C GLU B 220 16.26 9.47 -36.11
N GLY B 221 15.16 9.58 -35.40
CA GLY B 221 15.04 10.47 -34.28
C GLY B 221 14.16 11.68 -34.50
N MET B 222 13.29 11.65 -35.52
CA MET B 222 12.44 12.79 -35.84
C MET B 222 11.00 12.33 -35.95
N CYS B 223 10.07 13.25 -35.73
CA CYS B 223 8.65 12.93 -35.80
C CYS B 223 8.25 12.55 -37.21
N ARG B 224 7.35 11.57 -37.31
CA ARG B 224 6.82 11.12 -38.59
C ARG B 224 5.42 11.68 -38.85
N GLN B 225 4.49 11.43 -37.93
CA GLN B 225 3.11 11.89 -38.06
C GLN B 225 2.67 12.51 -36.74
N THR B 226 1.69 13.41 -36.83
CA THR B 226 1.15 14.11 -35.67
C THR B 226 -0.36 13.95 -35.65
N PHE B 227 -0.86 13.12 -34.74
CA PHE B 227 -2.29 12.89 -34.61
C PHE B 227 -2.88 13.83 -33.58
N THR B 228 -4.01 14.45 -33.92
CA THR B 228 -4.67 15.39 -33.01
C THR B 228 -6.17 15.39 -33.30
N GLY B 229 -6.94 14.78 -32.40
CA GLY B 229 -8.38 14.81 -32.53
C GLY B 229 -9.09 14.94 -31.20
N HIS B 230 -8.33 15.03 -30.12
CA HIS B 230 -8.88 15.12 -28.78
C HIS B 230 -9.33 16.55 -28.48
N GLU B 231 -9.69 16.78 -27.22
CA GLU B 231 -10.05 18.11 -26.73
C GLU B 231 -9.30 18.49 -25.46
N SER B 232 -8.49 17.60 -24.92
CA SER B 232 -7.74 17.88 -23.69
C SER B 232 -6.49 17.01 -23.68
N ASP B 233 -5.82 16.98 -22.53
CA ASP B 233 -4.59 16.24 -22.38
C ASP B 233 -4.82 14.74 -22.54
N ILE B 234 -3.74 14.02 -22.83
CA ILE B 234 -3.76 12.58 -23.06
C ILE B 234 -2.99 11.91 -21.94
N ASN B 235 -3.68 11.09 -21.14
CA ASN B 235 -3.04 10.50 -19.97
C ASN B 235 -2.45 9.13 -20.25
N ALA B 236 -2.94 8.43 -21.27
CA ALA B 236 -2.49 7.08 -21.56
C ALA B 236 -2.51 6.84 -23.07
N ILE B 237 -1.77 5.81 -23.49
CA ILE B 237 -1.71 5.43 -24.90
C ILE B 237 -1.25 3.99 -24.98
N CYS B 238 -1.68 3.29 -26.02
CA CYS B 238 -1.33 1.90 -26.22
C CYS B 238 -1.55 1.52 -27.69
N PHE B 239 -0.64 0.70 -28.22
CA PHE B 239 -0.72 0.23 -29.60
C PHE B 239 -1.69 -0.92 -29.76
N PHE B 240 -2.30 -0.98 -30.93
CA PHE B 240 -3.00 -2.18 -31.35
C PHE B 240 -2.00 -3.32 -31.53
N PRO B 241 -2.36 -4.57 -31.21
CA PRO B 241 -1.38 -5.65 -31.34
C PRO B 241 -0.85 -5.84 -32.76
N ASN B 242 -1.59 -5.40 -33.78
CA ASN B 242 -1.08 -5.46 -35.14
C ASN B 242 0.10 -4.52 -35.34
N GLY B 243 0.02 -3.33 -34.74
CA GLY B 243 1.07 -2.34 -34.87
C GLY B 243 0.73 -1.16 -35.75
N ASN B 244 -0.47 -1.11 -36.32
CA ASN B 244 -0.87 -0.04 -37.21
C ASN B 244 -2.02 0.79 -36.66
N ALA B 245 -2.20 0.78 -35.34
CA ALA B 245 -3.26 1.57 -34.71
C ALA B 245 -2.94 1.70 -33.22
N PHE B 246 -3.43 2.78 -32.62
CA PHE B 246 -3.24 2.96 -31.19
C PHE B 246 -4.42 3.72 -30.61
N ALA B 247 -4.65 3.52 -29.31
CA ALA B 247 -5.75 4.12 -28.59
C ALA B 247 -5.23 5.09 -27.55
N THR B 248 -5.88 6.25 -27.44
CA THR B 248 -5.47 7.32 -26.55
C THR B 248 -6.60 7.68 -25.61
N GLY B 249 -6.33 7.64 -24.31
CA GLY B 249 -7.29 8.05 -23.30
C GLY B 249 -7.00 9.47 -22.84
N SER B 250 -8.06 10.28 -22.80
CA SER B 250 -7.94 11.70 -22.49
C SER B 250 -8.67 12.01 -21.18
N ASP B 251 -8.78 13.30 -20.88
CA ASP B 251 -9.49 13.76 -19.68
C ASP B 251 -10.89 14.26 -19.98
N ASP B 252 -11.32 14.23 -21.24
CA ASP B 252 -12.71 14.49 -21.60
C ASP B 252 -13.53 13.20 -21.66
N ALA B 253 -13.02 12.12 -21.06
CA ALA B 253 -13.75 10.87 -20.88
C ALA B 253 -14.00 10.15 -22.20
N THR B 254 -13.14 10.35 -23.20
CA THR B 254 -13.29 9.72 -24.49
C THR B 254 -11.99 9.07 -24.90
N CYS B 255 -12.03 7.76 -25.19
CA CYS B 255 -10.91 7.15 -25.88
C CYS B 255 -11.07 7.36 -27.38
N ARG B 256 -9.97 7.19 -28.12
CA ARG B 256 -10.00 7.32 -29.56
C ARG B 256 -9.05 6.31 -30.17
N LEU B 257 -9.37 5.87 -31.38
CA LEU B 257 -8.56 4.90 -32.11
C LEU B 257 -8.19 5.51 -33.46
N PHE B 258 -6.90 5.75 -33.64
CA PHE B 258 -6.32 6.30 -34.86
C PHE B 258 -5.65 5.20 -35.67
N ASP B 259 -5.43 5.48 -36.95
CA ASP B 259 -4.75 4.57 -37.85
C ASP B 259 -3.45 5.18 -38.33
N LEU B 260 -2.40 4.36 -38.42
CA LEU B 260 -1.08 4.87 -38.76
C LEU B 260 -0.89 5.05 -40.26
N ARG B 261 -1.61 4.30 -41.08
CA ARG B 261 -1.44 4.41 -42.53
C ARG B 261 -2.44 5.36 -43.15
N ALA B 262 -3.68 5.38 -42.64
CA ALA B 262 -4.65 6.36 -43.09
C ALA B 262 -4.35 7.76 -42.53
N ASP B 263 -3.45 7.85 -41.55
CA ASP B 263 -2.91 9.10 -41.04
C ASP B 263 -3.99 9.89 -40.28
N GLN B 264 -5.17 9.32 -40.10
CA GLN B 264 -6.28 9.99 -39.46
C GLN B 264 -6.93 9.10 -38.41
N GLU B 265 -7.95 9.64 -37.76
CA GLU B 265 -8.63 8.93 -36.69
C GLU B 265 -9.74 8.04 -37.23
N LEU B 266 -9.88 6.84 -36.65
CA LEU B 266 -10.91 5.91 -37.09
C LEU B 266 -12.15 5.95 -36.20
N MET B 267 -12.00 5.74 -34.90
CA MET B 267 -13.17 5.57 -34.04
C MET B 267 -13.02 6.38 -32.77
N THR B 268 -14.15 6.62 -32.10
CA THR B 268 -14.21 7.32 -30.83
C THR B 268 -15.11 6.57 -29.87
N TYR B 269 -14.61 6.35 -28.65
CA TYR B 269 -15.30 5.56 -27.64
C TYR B 269 -15.68 6.49 -26.49
N SER B 270 -16.99 6.68 -26.31
CA SER B 270 -17.49 7.60 -25.29
C SER B 270 -18.96 7.29 -25.03
N HIS B 271 -19.34 7.31 -23.77
CA HIS B 271 -20.74 7.20 -23.35
C HIS B 271 -21.17 8.50 -22.70
N ASP B 272 -22.48 8.72 -22.64
CA ASP B 272 -23.00 9.94 -22.04
C ASP B 272 -22.97 9.91 -20.52
N ASN B 273 -22.72 8.75 -19.91
CA ASN B 273 -22.71 8.65 -18.45
C ASN B 273 -21.33 8.95 -17.88
N ILE B 274 -20.27 8.56 -18.58
CA ILE B 274 -18.91 8.73 -18.09
C ILE B 274 -18.42 10.14 -18.41
N ILE B 275 -17.91 10.83 -17.40
CA ILE B 275 -17.48 12.22 -17.55
C ILE B 275 -16.08 12.40 -16.97
N CYS B 276 -15.65 11.43 -16.15
CA CYS B 276 -14.34 11.52 -15.53
C CYS B 276 -13.24 11.21 -16.53
N GLY B 277 -12.04 11.68 -16.22
CA GLY B 277 -10.90 11.44 -17.08
C GLY B 277 -10.52 9.97 -17.13
N ILE B 278 -9.60 9.66 -18.03
CA ILE B 278 -9.13 8.31 -18.27
C ILE B 278 -7.66 8.23 -17.86
N THR B 279 -7.30 7.23 -17.07
CA THR B 279 -5.95 7.10 -16.55
C THR B 279 -5.13 6.05 -17.26
N SER B 280 -5.74 4.98 -17.75
CA SER B 280 -5.00 3.91 -18.39
C SER B 280 -5.82 3.33 -19.54
N VAL B 281 -5.09 2.83 -20.55
CA VAL B 281 -5.68 2.20 -21.73
C VAL B 281 -4.86 0.96 -22.06
N SER B 282 -5.53 -0.11 -22.48
CA SER B 282 -4.83 -1.30 -22.94
C SER B 282 -5.75 -2.10 -23.87
N PHE B 283 -5.14 -2.89 -24.73
CA PHE B 283 -5.88 -3.78 -25.63
C PHE B 283 -5.88 -5.20 -25.08
N SER B 284 -6.42 -6.10 -25.89
CA SER B 284 -6.44 -7.53 -25.58
C SER B 284 -5.43 -8.23 -26.50
N LYS B 285 -5.22 -9.52 -26.34
CA LYS B 285 -4.24 -10.19 -27.19
C LYS B 285 -4.65 -10.11 -28.66
N SER B 286 -5.92 -10.39 -28.94
CA SER B 286 -6.46 -10.27 -30.29
C SER B 286 -6.55 -8.80 -30.68
N GLY B 287 -6.87 -7.98 -29.68
CA GLY B 287 -7.06 -6.55 -29.85
C GLY B 287 -8.51 -6.16 -30.05
N ARG B 288 -9.39 -7.15 -29.99
CA ARG B 288 -10.83 -6.91 -30.13
C ARG B 288 -11.42 -6.06 -29.02
N LEU B 289 -11.01 -6.31 -27.78
CA LEU B 289 -11.52 -5.56 -26.64
C LEU B 289 -10.66 -4.35 -26.34
N LEU B 290 -11.05 -3.55 -25.35
CA LEU B 290 -10.24 -2.37 -25.02
C LEU B 290 -10.51 -2.00 -23.57
N LEU B 291 -9.57 -2.36 -22.69
CA LEU B 291 -9.68 -2.02 -21.28
C LEU B 291 -9.33 -0.56 -21.08
N ALA B 292 -10.13 0.14 -20.27
CA ALA B 292 -9.90 1.55 -20.01
C ALA B 292 -10.20 1.84 -18.55
N GLY B 293 -9.24 2.42 -17.84
CA GLY B 293 -9.47 2.79 -16.46
C GLY B 293 -9.96 4.22 -16.33
N TYR B 294 -10.80 4.46 -15.32
CA TYR B 294 -11.44 5.75 -15.12
C TYR B 294 -11.22 6.21 -13.69
N ASP B 295 -11.55 7.47 -13.43
CA ASP B 295 -11.44 8.03 -12.08
C ASP B 295 -12.56 7.61 -11.15
N ASP B 296 -13.66 7.07 -11.69
CA ASP B 296 -14.77 6.58 -10.89
C ASP B 296 -14.43 5.32 -10.11
N PHE B 297 -13.18 4.85 -10.20
CA PHE B 297 -12.73 3.63 -9.53
C PHE B 297 -13.32 2.37 -10.16
N ASN B 298 -13.58 2.40 -11.47
CA ASN B 298 -14.10 1.22 -12.15
C ASN B 298 -13.55 1.18 -13.57
N CYS B 299 -13.14 0.00 -14.02
CA CYS B 299 -12.68 -0.18 -15.38
C CYS B 299 -13.87 -0.33 -16.33
N ASN B 300 -13.59 -0.17 -17.62
CA ASN B 300 -14.56 -0.44 -18.67
C ASN B 300 -13.91 -1.27 -19.75
N VAL B 301 -14.71 -2.07 -20.44
CA VAL B 301 -14.21 -2.94 -21.51
C VAL B 301 -15.00 -2.56 -22.77
N TRP B 302 -14.43 -1.67 -23.57
CA TRP B 302 -15.09 -1.28 -24.82
C TRP B 302 -14.87 -2.34 -25.89
N ASP B 303 -15.79 -2.39 -26.85
CA ASP B 303 -15.67 -3.25 -28.01
C ASP B 303 -14.98 -2.46 -29.11
N ALA B 304 -13.71 -2.79 -29.39
CA ALA B 304 -12.89 -1.95 -30.25
C ALA B 304 -13.39 -1.87 -31.67
N LEU B 305 -14.32 -2.76 -32.08
CA LEU B 305 -14.78 -2.78 -33.46
C LEU B 305 -16.19 -2.24 -33.66
N LYS B 306 -16.98 -2.11 -32.59
CA LYS B 306 -18.32 -1.55 -32.70
C LYS B 306 -18.55 -0.37 -31.77
N ALA B 307 -17.61 -0.03 -30.90
CA ALA B 307 -17.62 1.15 -30.03
C ALA B 307 -18.65 1.06 -28.92
N ASP B 308 -19.40 -0.04 -28.83
CA ASP B 308 -20.41 -0.20 -27.80
C ASP B 308 -19.81 -0.87 -26.58
N ARG B 309 -20.01 -0.27 -25.40
CA ARG B 309 -19.45 -0.81 -24.17
C ARG B 309 -19.92 -2.24 -23.97
N ALA B 310 -19.03 -3.08 -23.44
CA ALA B 310 -19.29 -4.52 -23.34
C ALA B 310 -18.85 -5.05 -22.00
N GLY B 311 -18.98 -4.27 -20.95
CA GLY B 311 -18.70 -4.77 -19.62
C GLY B 311 -18.15 -3.68 -18.72
N VAL B 312 -17.99 -4.04 -17.46
CA VAL B 312 -17.50 -3.14 -16.41
C VAL B 312 -16.77 -3.99 -15.37
N LEU B 313 -15.67 -3.46 -14.84
CA LEU B 313 -14.87 -4.13 -13.82
C LEU B 313 -14.77 -3.17 -12.63
N ALA B 314 -15.76 -3.21 -11.74
CA ALA B 314 -15.83 -2.32 -10.59
C ALA B 314 -15.47 -3.11 -9.34
N GLY B 315 -14.25 -2.92 -8.84
CA GLY B 315 -13.84 -3.56 -7.61
C GLY B 315 -12.93 -2.70 -6.76
N HIS B 316 -12.76 -1.44 -7.12
CA HIS B 316 -11.81 -0.55 -6.47
C HIS B 316 -12.53 0.56 -5.72
N ASP B 317 -11.92 0.97 -4.60
CA ASP B 317 -12.48 2.03 -3.77
C ASP B 317 -12.08 3.42 -4.24
N ASN B 318 -10.86 3.58 -4.76
CA ASN B 318 -10.35 4.86 -5.20
C ASN B 318 -9.94 4.77 -6.67
N ARG B 319 -9.56 5.93 -7.23
CA ARG B 319 -9.22 6.03 -8.64
C ARG B 319 -8.22 4.96 -9.05
N VAL B 320 -8.40 4.40 -10.24
CA VAL B 320 -7.45 3.44 -10.80
C VAL B 320 -6.41 4.22 -11.60
N SER B 321 -5.14 3.93 -11.37
CA SER B 321 -4.05 4.68 -11.96
C SER B 321 -3.16 3.87 -12.88
N CYS B 322 -3.29 2.54 -12.89
CA CYS B 322 -2.50 1.69 -13.75
C CYS B 322 -3.31 0.48 -14.15
N LEU B 323 -3.05 -0.02 -15.35
CA LEU B 323 -3.81 -1.14 -15.90
C LEU B 323 -2.96 -1.83 -16.94
N GLY B 324 -2.89 -3.16 -16.86
CA GLY B 324 -2.01 -3.92 -17.72
C GLY B 324 -2.62 -5.25 -18.11
N VAL B 325 -2.30 -5.70 -19.31
CA VAL B 325 -2.78 -6.96 -19.86
C VAL B 325 -1.56 -7.83 -20.15
N THR B 326 -1.58 -9.08 -19.69
CA THR B 326 -0.44 -9.95 -19.88
C THR B 326 -0.19 -10.19 -21.37
N ASP B 327 1.02 -10.66 -21.66
CA ASP B 327 1.41 -10.87 -23.06
C ASP B 327 0.67 -12.05 -23.68
N ASP B 328 0.21 -12.99 -22.87
CA ASP B 328 -0.61 -14.09 -23.36
C ASP B 328 -2.10 -13.83 -23.23
N GLY B 329 -2.51 -12.64 -22.79
CA GLY B 329 -3.91 -12.31 -22.70
C GLY B 329 -4.67 -13.02 -21.60
N MET B 330 -3.98 -13.69 -20.68
CA MET B 330 -4.64 -14.57 -19.73
C MET B 330 -5.21 -13.85 -18.52
N ALA B 331 -4.88 -12.58 -18.30
CA ALA B 331 -5.34 -11.88 -17.11
C ALA B 331 -5.26 -10.38 -17.38
N VAL B 332 -5.80 -9.60 -16.43
CA VAL B 332 -5.74 -8.15 -16.49
C VAL B 332 -5.50 -7.64 -15.06
N ALA B 333 -4.39 -6.95 -14.85
CA ALA B 333 -4.10 -6.39 -13.54
C ALA B 333 -4.48 -4.91 -13.53
N THR B 334 -5.14 -4.48 -12.47
CA THR B 334 -5.51 -3.08 -12.32
C THR B 334 -5.11 -2.59 -10.94
N GLY B 335 -4.42 -1.46 -10.89
CA GLY B 335 -4.03 -0.87 -9.62
C GLY B 335 -4.82 0.38 -9.33
N SER B 336 -4.78 0.85 -8.09
CA SER B 336 -5.58 2.00 -7.71
C SER B 336 -4.97 2.65 -6.48
N TRP B 337 -5.53 3.80 -6.09
CA TRP B 337 -5.00 4.60 -5.01
C TRP B 337 -5.43 4.14 -3.63
N ASP B 338 -5.95 2.91 -3.50
CA ASP B 338 -6.25 2.35 -2.18
C ASP B 338 -5.21 1.30 -1.79
N SER B 339 -4.10 1.22 -2.53
CA SER B 339 -2.96 0.35 -2.29
C SER B 339 -3.24 -1.11 -2.62
N PHE B 340 -4.36 -1.41 -3.29
CA PHE B 340 -4.67 -2.77 -3.71
C PHE B 340 -4.70 -2.80 -5.23
N LEU B 341 -3.88 -3.65 -5.82
CA LEU B 341 -3.99 -3.97 -7.24
C LEU B 341 -4.53 -5.38 -7.38
N LYS B 342 -5.56 -5.55 -8.20
CA LYS B 342 -6.26 -6.81 -8.34
C LYS B 342 -5.99 -7.42 -9.71
N ILE B 343 -6.17 -8.74 -9.79
CA ILE B 343 -5.93 -9.50 -11.01
C ILE B 343 -7.25 -10.12 -11.44
N TRP B 344 -7.86 -9.54 -12.46
CA TRP B 344 -9.10 -9.98 -13.07
C TRP B 344 -8.79 -11.00 -14.14
N ASN B 345 -9.79 -11.83 -14.46
CA ASN B 345 -9.62 -12.89 -15.45
C ASN B 345 -10.98 -13.38 -15.96
N GLN C 10 14.21 28.19 -34.56
CA GLN C 10 13.12 28.88 -33.88
C GLN C 10 11.86 28.88 -34.74
N ALA C 11 11.96 29.47 -35.93
CA ALA C 11 10.85 29.56 -36.86
C ALA C 11 11.00 28.68 -38.09
N ARG C 12 12.24 28.38 -38.50
CA ARG C 12 12.44 27.51 -39.65
C ARG C 12 12.22 26.05 -39.30
N LYS C 13 12.39 25.68 -38.02
CA LYS C 13 12.26 24.28 -37.62
C LYS C 13 10.83 23.80 -37.80
N LEU C 14 9.84 24.62 -37.44
CA LEU C 14 8.44 24.20 -37.54
C LEU C 14 8.04 23.99 -38.99
N VAL C 15 8.39 24.93 -39.88
CA VAL C 15 8.04 24.78 -41.28
C VAL C 15 8.81 23.63 -41.92
N GLU C 16 10.07 23.42 -41.49
CA GLU C 16 10.84 22.31 -42.03
C GLU C 16 10.22 20.96 -41.63
N GLN C 17 9.78 20.84 -40.37
CA GLN C 17 9.14 19.61 -39.94
C GLN C 17 7.79 19.41 -40.60
N LEU C 18 7.03 20.49 -40.80
CA LEU C 18 5.76 20.37 -41.50
C LEU C 18 5.96 19.98 -42.95
N LYS C 19 7.04 20.46 -43.58
CA LYS C 19 7.32 20.06 -44.96
C LYS C 19 7.77 18.61 -45.02
N MET C 20 8.55 18.16 -44.02
CA MET C 20 8.93 16.76 -43.94
C MET C 20 7.69 15.88 -43.81
N GLU C 21 6.71 16.31 -43.00
CA GLU C 21 5.48 15.55 -42.84
C GLU C 21 4.54 15.73 -44.03
N ALA C 22 4.75 16.76 -44.85
CA ALA C 22 3.83 17.04 -45.94
C ALA C 22 3.95 16.01 -47.05
N ASN C 23 5.16 15.79 -47.56
CA ASN C 23 5.39 14.82 -48.64
C ASN C 23 5.43 13.43 -48.01
N ILE C 24 4.25 12.97 -47.58
CA ILE C 24 4.10 11.67 -46.95
C ILE C 24 3.07 10.87 -47.74
N ASP C 25 3.24 9.56 -47.74
CA ASP C 25 2.35 8.68 -48.48
C ASP C 25 1.21 8.23 -47.56
N ARG C 26 -0.01 8.26 -48.08
CA ARG C 26 -1.19 7.79 -47.38
C ARG C 26 -1.92 6.76 -48.22
N ILE C 27 -2.74 5.94 -47.56
CA ILE C 27 -3.58 4.97 -48.26
C ILE C 27 -5.03 5.30 -47.96
N LYS C 28 -5.95 4.55 -48.57
CA LYS C 28 -7.36 4.76 -48.31
C LYS C 28 -7.72 4.26 -46.92
N VAL C 29 -8.87 4.71 -46.41
CA VAL C 29 -9.28 4.33 -45.06
C VAL C 29 -9.89 2.94 -45.05
N SER C 30 -10.67 2.59 -46.07
CA SER C 30 -11.34 1.30 -46.10
C SER C 30 -10.34 0.15 -46.13
N LYS C 31 -9.20 0.33 -46.79
CA LYS C 31 -8.18 -0.72 -46.82
C LYS C 31 -7.61 -0.96 -45.42
N ALA C 32 -7.33 0.13 -44.70
CA ALA C 32 -6.84 0.01 -43.33
C ALA C 32 -7.87 -0.65 -42.43
N ALA C 33 -9.14 -0.30 -42.62
CA ALA C 33 -10.21 -0.91 -41.83
C ALA C 33 -10.33 -2.40 -42.13
N ALA C 34 -10.18 -2.79 -43.40
CA ALA C 34 -10.24 -4.19 -43.75
C ALA C 34 -9.07 -4.97 -43.15
N ASP C 35 -7.87 -4.39 -43.19
CA ASP C 35 -6.73 -5.04 -42.55
C ASP C 35 -6.93 -5.17 -41.04
N LEU C 36 -7.52 -4.14 -40.42
CA LEU C 36 -7.77 -4.19 -38.98
C LEU C 36 -8.77 -5.29 -38.64
N MET C 37 -9.86 -5.40 -39.40
CA MET C 37 -10.82 -6.48 -39.18
C MET C 37 -10.17 -7.84 -39.43
N ALA C 38 -9.33 -7.95 -40.45
CA ALA C 38 -8.67 -9.22 -40.74
C ALA C 38 -7.80 -9.66 -39.57
N TYR C 39 -7.08 -8.71 -38.95
CA TYR C 39 -6.29 -9.09 -37.78
C TYR C 39 -7.19 -9.39 -36.59
N CYS C 40 -8.30 -8.66 -36.43
CA CYS C 40 -9.20 -8.95 -35.33
C CYS C 40 -9.86 -10.32 -35.48
N GLU C 41 -9.90 -10.86 -36.70
CA GLU C 41 -10.54 -12.15 -36.93
C GLU C 41 -9.55 -13.31 -36.91
N ALA C 42 -8.47 -13.21 -37.69
CA ALA C 42 -7.54 -14.33 -37.84
C ALA C 42 -6.84 -14.70 -36.55
N HIS C 43 -6.87 -13.85 -35.52
CA HIS C 43 -6.23 -14.13 -34.24
C HIS C 43 -7.20 -14.06 -33.08
N ALA C 44 -8.48 -14.37 -33.31
CA ALA C 44 -9.47 -14.30 -32.24
C ALA C 44 -9.59 -15.62 -31.49
N LYS C 45 -9.15 -16.72 -32.09
CA LYS C 45 -9.24 -18.02 -31.43
C LYS C 45 -8.20 -18.20 -30.33
N GLU C 46 -7.29 -17.24 -30.15
CA GLU C 46 -6.29 -17.29 -29.11
C GLU C 46 -6.35 -16.06 -28.22
N ASP C 47 -7.56 -15.68 -27.81
CA ASP C 47 -7.80 -14.52 -26.95
C ASP C 47 -8.54 -15.01 -25.70
N PRO C 48 -7.82 -15.32 -24.63
CA PRO C 48 -8.48 -15.83 -23.42
C PRO C 48 -9.33 -14.81 -22.68
N LEU C 49 -9.46 -13.59 -23.20
CA LEU C 49 -10.34 -12.61 -22.60
C LEU C 49 -11.62 -12.38 -23.40
N LEU C 50 -11.56 -12.57 -24.71
CA LEU C 50 -12.75 -12.50 -25.55
C LEU C 50 -13.53 -13.81 -25.52
N THR C 51 -12.83 -14.94 -25.66
CA THR C 51 -13.41 -16.27 -25.53
C THR C 51 -12.69 -16.98 -24.39
N PRO C 52 -13.21 -16.92 -23.17
CA PRO C 52 -12.50 -17.49 -22.03
C PRO C 52 -12.25 -18.98 -22.19
N VAL C 53 -11.16 -19.45 -21.57
CA VAL C 53 -10.74 -20.84 -21.66
C VAL C 53 -11.32 -21.60 -20.48
N PRO C 54 -11.55 -22.90 -20.60
CA PRO C 54 -12.09 -23.68 -19.47
C PRO C 54 -11.16 -23.63 -18.27
N ALA C 55 -11.71 -23.99 -17.11
CA ALA C 55 -10.97 -23.90 -15.85
C ALA C 55 -9.82 -24.90 -15.77
N SER C 56 -9.57 -25.69 -16.81
CA SER C 56 -8.43 -26.59 -16.84
C SER C 56 -7.19 -25.95 -17.46
N GLU C 57 -7.33 -24.75 -18.02
CA GLU C 57 -6.20 -24.03 -18.59
C GLU C 57 -5.93 -22.70 -17.89
N ASN C 58 -6.90 -22.15 -17.17
CA ASN C 58 -6.70 -20.91 -16.44
C ASN C 58 -5.72 -21.12 -15.30
N PRO C 59 -4.59 -20.40 -15.27
CA PRO C 59 -3.64 -20.56 -14.17
C PRO C 59 -3.95 -19.72 -12.95
N PHE C 60 -4.92 -18.81 -13.04
CA PHE C 60 -5.30 -17.97 -11.91
C PHE C 60 -6.49 -18.55 -11.17
N VAL D 2 31.80 -12.69 -3.71
CA VAL D 2 31.31 -13.50 -2.59
C VAL D 2 32.38 -14.49 -2.17
N GLN D 3 32.34 -14.88 -0.89
CA GLN D 3 33.34 -15.80 -0.36
C GLN D 3 32.83 -16.37 0.96
N LEU D 4 33.13 -17.64 1.19
CA LEU D 4 32.82 -18.33 2.43
C LEU D 4 34.11 -18.96 2.94
N VAL D 5 34.40 -18.79 4.22
CA VAL D 5 35.60 -19.36 4.83
C VAL D 5 35.17 -20.12 6.08
N GLU D 6 35.42 -21.42 6.11
CA GLU D 6 35.05 -22.24 7.24
C GLU D 6 36.26 -22.48 8.14
N SER D 7 35.97 -22.71 9.42
CA SER D 7 37.03 -22.88 10.41
C SER D 7 36.55 -23.80 11.51
N GLY D 8 37.47 -24.60 12.03
CA GLY D 8 37.18 -25.63 13.00
C GLY D 8 37.94 -26.90 12.67
N GLY D 9 37.37 -28.05 13.02
CA GLY D 9 38.00 -29.30 12.64
C GLY D 9 39.19 -29.65 13.52
N GLY D 10 39.98 -30.58 13.01
CA GLY D 10 41.14 -31.10 13.71
C GLY D 10 40.86 -32.49 14.24
N LEU D 11 41.76 -32.96 15.10
CA LEU D 11 41.59 -34.24 15.77
C LEU D 11 40.71 -34.05 17.00
N VAL D 12 39.66 -34.87 17.11
CA VAL D 12 38.70 -34.77 18.19
C VAL D 12 38.47 -36.17 18.75
N GLN D 13 38.44 -36.29 20.08
CA GLN D 13 38.22 -37.58 20.69
C GLN D 13 36.76 -38.02 20.49
N PRO D 14 36.52 -39.32 20.33
CA PRO D 14 35.14 -39.79 20.10
C PRO D 14 34.26 -39.52 21.31
N GLY D 15 33.15 -38.83 21.07
CA GLY D 15 32.24 -38.46 22.13
C GLY D 15 32.41 -37.05 22.64
N GLY D 16 33.38 -36.30 22.14
CA GLY D 16 33.61 -34.94 22.59
C GLY D 16 32.63 -33.95 22.00
N SER D 17 33.13 -32.75 21.71
CA SER D 17 32.32 -31.71 21.11
C SER D 17 33.22 -30.79 20.29
N ARG D 18 32.59 -29.96 19.46
CA ARG D 18 33.32 -29.01 18.64
C ARG D 18 32.31 -28.00 18.09
N LYS D 19 32.83 -26.90 17.54
CA LYS D 19 32.02 -25.90 16.89
C LYS D 19 32.68 -25.49 15.59
N LEU D 20 31.91 -25.47 14.51
CA LEU D 20 32.39 -25.06 13.20
C LEU D 20 31.80 -23.70 12.88
N SER D 21 32.67 -22.77 12.46
CA SER D 21 32.27 -21.39 12.22
C SER D 21 32.60 -21.03 10.79
N CYS D 22 31.60 -20.58 10.04
CA CYS D 22 31.77 -20.18 8.65
C CYS D 22 31.51 -18.69 8.54
N SER D 23 32.53 -17.93 8.16
CA SER D 23 32.44 -16.49 7.96
C SER D 23 32.16 -16.20 6.50
N ALA D 24 31.15 -15.36 6.25
CA ALA D 24 30.70 -15.04 4.92
C ALA D 24 31.03 -13.58 4.61
N SER D 25 31.67 -13.35 3.45
CA SER D 25 32.11 -12.01 3.10
C SER D 25 31.81 -11.77 1.63
N GLY D 26 31.08 -10.70 1.34
CA GLY D 26 30.81 -10.30 -0.03
C GLY D 26 29.36 -10.37 -0.46
N PHE D 27 28.43 -10.89 0.33
CA PHE D 27 27.05 -10.96 -0.09
C PHE D 27 26.13 -10.66 1.08
N ALA D 28 24.83 -10.61 0.80
CA ALA D 28 23.81 -10.29 1.79
C ALA D 28 23.47 -11.54 2.58
N PHE D 29 24.28 -11.81 3.60
CA PHE D 29 24.10 -13.01 4.42
C PHE D 29 22.73 -13.03 5.07
N SER D 30 22.15 -11.86 5.32
CA SER D 30 20.86 -11.79 6.01
C SER D 30 19.71 -12.35 5.19
N SER D 31 19.90 -12.56 3.89
CA SER D 31 18.82 -12.98 3.01
C SER D 31 19.02 -14.38 2.42
N PHE D 32 20.05 -15.10 2.86
CA PHE D 32 20.38 -16.41 2.31
C PHE D 32 20.15 -17.49 3.34
N GLY D 33 19.40 -18.52 2.96
CA GLY D 33 19.30 -19.72 3.75
C GLY D 33 20.52 -20.59 3.52
N MET D 34 21.11 -21.05 4.62
CA MET D 34 22.38 -21.77 4.55
C MET D 34 22.19 -23.24 4.87
N HIS D 35 23.02 -24.07 4.25
CA HIS D 35 23.00 -25.51 4.44
C HIS D 35 24.36 -25.97 4.97
N TRP D 36 24.42 -27.22 5.40
CA TRP D 36 25.68 -27.89 5.66
C TRP D 36 25.69 -29.22 4.92
N VAL D 37 26.71 -29.43 4.11
CA VAL D 37 26.84 -30.63 3.29
C VAL D 37 28.19 -31.25 3.59
N ARG D 38 28.20 -32.42 4.19
CA ARG D 38 29.45 -33.07 4.56
C ARG D 38 29.82 -34.10 3.51
N GLN D 39 31.07 -34.55 3.57
CA GLN D 39 31.61 -35.50 2.60
C GLN D 39 32.64 -36.37 3.28
N ALA D 40 32.38 -37.67 3.31
CA ALA D 40 33.29 -38.63 3.90
C ALA D 40 34.61 -38.64 3.11
N PRO D 41 35.65 -39.32 3.60
CA PRO D 41 36.94 -39.30 2.88
C PRO D 41 36.84 -39.73 1.41
N GLU D 42 36.32 -40.92 1.14
CA GLU D 42 36.24 -41.42 -0.24
C GLU D 42 34.81 -41.76 -0.62
N LYS D 43 33.83 -41.05 -0.04
CA LYS D 43 32.43 -41.24 -0.35
C LYS D 43 31.86 -39.96 -0.95
N GLY D 44 30.55 -39.96 -1.16
CA GLY D 44 29.87 -38.83 -1.75
C GLY D 44 29.27 -37.90 -0.70
N LEU D 45 28.60 -36.87 -1.20
CA LEU D 45 28.04 -35.82 -0.36
C LEU D 45 26.84 -36.33 0.44
N GLU D 46 26.60 -35.68 1.58
CA GLU D 46 25.46 -35.98 2.42
C GLU D 46 24.99 -34.70 3.10
N TRP D 47 23.70 -34.47 3.08
CA TRP D 47 23.11 -33.32 3.76
C TRP D 47 23.19 -33.51 5.27
N VAL D 48 23.33 -32.40 6.01
CA VAL D 48 23.49 -32.44 7.46
C VAL D 48 22.46 -31.57 8.17
N ALA D 49 22.35 -30.29 7.79
CA ALA D 49 21.48 -29.38 8.50
C ALA D 49 21.11 -28.21 7.61
N TYR D 50 20.02 -27.52 7.97
CA TYR D 50 19.57 -26.37 7.20
C TYR D 50 18.96 -25.35 8.15
N ILE D 51 19.38 -24.10 7.98
CA ILE D 51 18.90 -22.95 8.75
C ILE D 51 18.37 -21.92 7.75
N SER D 52 17.15 -21.45 7.97
CA SER D 52 16.50 -20.58 7.01
C SER D 52 17.02 -19.15 7.16
N SER D 53 16.41 -18.22 6.44
CA SER D 53 16.70 -16.81 6.60
C SER D 53 15.85 -16.25 7.74
N GLY D 54 16.50 -15.64 8.72
CA GLY D 54 15.82 -15.27 9.94
C GLY D 54 15.70 -16.37 10.95
N SER D 55 16.33 -17.52 10.71
CA SER D 55 16.36 -18.66 11.63
C SER D 55 14.97 -19.20 11.95
N GLY D 56 13.97 -18.86 11.14
CA GLY D 56 12.62 -19.29 11.40
C GLY D 56 12.27 -20.69 10.94
N THR D 57 13.21 -21.43 10.37
CA THR D 57 12.91 -22.78 9.87
C THR D 57 14.21 -23.58 9.87
N ILE D 58 14.23 -24.68 10.62
CA ILE D 58 15.44 -25.48 10.82
C ILE D 58 15.12 -26.93 10.51
N TYR D 59 16.01 -27.59 9.78
CA TYR D 59 15.89 -29.02 9.53
C TYR D 59 17.23 -29.70 9.77
N TYR D 60 17.17 -31.00 10.05
CA TYR D 60 18.37 -31.81 10.24
C TYR D 60 18.21 -33.15 9.53
N ALA D 61 19.33 -33.85 9.38
CA ALA D 61 19.31 -35.19 8.83
C ALA D 61 18.99 -36.19 9.94
N ASP D 62 18.40 -37.32 9.55
CA ASP D 62 17.93 -38.29 10.53
C ASP D 62 19.07 -38.97 11.28
N THR D 63 20.30 -38.92 10.75
CA THR D 63 21.44 -39.51 11.43
C THR D 63 22.19 -38.53 12.31
N VAL D 64 21.83 -37.25 12.29
CA VAL D 64 22.45 -36.25 13.13
C VAL D 64 21.38 -35.46 13.87
N LYS D 65 20.21 -36.06 14.03
CA LYS D 65 19.10 -35.40 14.70
C LYS D 65 19.31 -35.44 16.22
N GLY D 66 19.41 -34.27 16.83
CA GLY D 66 19.47 -34.13 18.27
C GLY D 66 20.84 -33.76 18.81
N ARG D 67 21.92 -34.24 18.19
CA ARG D 67 23.26 -33.98 18.71
C ARG D 67 24.01 -32.93 17.91
N PHE D 68 23.42 -32.37 16.86
CA PHE D 68 23.94 -31.19 16.20
C PHE D 68 22.99 -30.02 16.41
N THR D 69 23.54 -28.81 16.38
CA THR D 69 22.72 -27.62 16.55
C THR D 69 23.26 -26.51 15.65
N ILE D 70 22.44 -26.05 14.73
CA ILE D 70 22.84 -25.02 13.78
C ILE D 70 22.29 -23.68 14.24
N SER D 71 23.04 -22.62 13.95
CA SER D 71 22.63 -21.27 14.31
C SER D 71 23.35 -20.30 13.39
N ARG D 72 22.85 -19.07 13.35
CA ARG D 72 23.45 -18.04 12.51
C ARG D 72 23.46 -16.72 13.25
N ASP D 73 24.50 -15.94 13.00
CA ASP D 73 24.66 -14.62 13.59
C ASP D 73 24.74 -13.62 12.44
N ASP D 74 23.68 -12.84 12.26
CA ASP D 74 23.59 -11.93 11.12
C ASP D 74 24.45 -10.68 11.32
N PRO D 75 24.43 -10.01 12.48
CA PRO D 75 25.33 -8.87 12.65
C PRO D 75 26.79 -9.21 12.41
N LYS D 76 27.28 -10.30 12.98
CA LYS D 76 28.67 -10.70 12.77
C LYS D 76 28.88 -11.42 11.44
N ASN D 77 27.81 -11.82 10.75
CA ASN D 77 27.89 -12.52 9.47
C ASN D 77 28.64 -13.84 9.61
N THR D 78 28.14 -14.70 10.48
CA THR D 78 28.76 -16.00 10.72
C THR D 78 27.67 -17.08 10.82
N LEU D 79 28.09 -18.32 10.59
CA LEU D 79 27.22 -19.48 10.70
C LEU D 79 27.89 -20.52 11.57
N PHE D 80 27.20 -20.96 12.61
CA PHE D 80 27.76 -21.86 13.61
C PHE D 80 27.06 -23.21 13.57
N LEU D 81 27.86 -24.27 13.63
CA LEU D 81 27.35 -25.63 13.81
C LEU D 81 28.01 -26.22 15.05
N GLN D 82 27.24 -26.40 16.11
CA GLN D 82 27.73 -26.99 17.34
C GLN D 82 27.48 -28.48 17.31
N MET D 83 28.55 -29.27 17.38
CA MET D 83 28.49 -30.71 17.27
C MET D 83 28.86 -31.33 18.62
N THR D 84 28.03 -32.28 19.06
CA THR D 84 28.16 -32.89 20.38
C THR D 84 28.17 -34.41 20.26
N SER D 85 29.07 -35.05 21.01
CA SER D 85 29.19 -36.50 21.03
C SER D 85 29.43 -37.08 19.63
N LEU D 86 30.56 -36.67 19.05
CA LEU D 86 30.89 -37.08 17.69
C LEU D 86 31.25 -38.56 17.65
N ARG D 87 30.51 -39.33 16.85
CA ARG D 87 30.82 -40.73 16.61
C ARG D 87 32.01 -40.85 15.68
N SER D 88 32.56 -42.06 15.58
CA SER D 88 33.70 -42.31 14.71
C SER D 88 33.34 -42.30 13.23
N GLU D 89 32.08 -42.03 12.88
CA GLU D 89 31.63 -41.97 11.51
C GLU D 89 31.33 -40.54 11.05
N ASP D 90 31.98 -39.55 11.65
CA ASP D 90 31.81 -38.15 11.26
C ASP D 90 33.10 -37.53 10.73
N THR D 91 34.12 -38.35 10.44
CA THR D 91 35.40 -37.84 9.97
C THR D 91 35.22 -37.40 8.52
N ALA D 92 34.65 -36.21 8.34
CA ALA D 92 34.26 -35.74 7.03
C ALA D 92 34.64 -34.28 6.88
N MET D 93 34.77 -33.86 5.62
CA MET D 93 35.01 -32.46 5.30
C MET D 93 33.66 -31.77 5.11
N TYR D 94 33.38 -30.78 5.95
CA TYR D 94 32.06 -30.16 6.01
C TYR D 94 32.08 -28.89 5.17
N TYR D 95 31.40 -28.93 4.02
CA TYR D 95 31.21 -27.77 3.19
C TYR D 95 30.01 -26.96 3.67
N CYS D 96 30.02 -25.68 3.38
CA CYS D 96 28.93 -24.78 3.73
C CYS D 96 28.32 -24.25 2.45
N VAL D 97 27.01 -24.38 2.32
CA VAL D 97 26.31 -24.06 1.08
C VAL D 97 25.33 -22.93 1.33
N ARG D 98 25.32 -21.95 0.43
CA ARG D 98 24.32 -20.90 0.45
C ARG D 98 23.19 -21.25 -0.51
N SER D 99 22.01 -20.67 -0.25
CA SER D 99 20.85 -20.97 -1.07
C SER D 99 19.76 -19.97 -0.77
N ILE D 100 19.21 -19.36 -1.83
CA ILE D 100 18.12 -18.40 -1.70
C ILE D 100 16.97 -18.88 -2.57
N TYR D 101 15.76 -18.92 -1.98
CA TYR D 101 14.59 -19.49 -2.64
C TYR D 101 13.58 -18.41 -2.95
N TYR D 102 13.35 -18.16 -4.24
CA TYR D 102 12.21 -17.41 -4.72
C TYR D 102 11.94 -17.86 -6.15
N TYR D 103 10.88 -17.32 -6.75
CA TYR D 103 10.55 -17.71 -8.12
C TYR D 103 11.62 -17.26 -9.09
N GLY D 104 12.36 -18.21 -9.65
CA GLY D 104 13.42 -17.91 -10.59
C GLY D 104 14.82 -17.90 -10.00
N SER D 105 15.01 -18.45 -8.81
CA SER D 105 16.30 -18.45 -8.16
C SER D 105 17.05 -19.75 -8.45
N SER D 106 18.34 -19.77 -8.11
CA SER D 106 19.22 -20.92 -8.30
C SER D 106 19.91 -21.24 -6.98
N PRO D 107 19.26 -22.02 -6.12
CA PRO D 107 19.89 -22.39 -4.84
C PRO D 107 21.17 -23.18 -5.04
N PHE D 108 21.93 -23.30 -3.96
CA PHE D 108 23.17 -24.10 -3.93
C PHE D 108 24.22 -23.57 -4.91
N ASP D 109 24.17 -22.28 -5.23
CA ASP D 109 25.01 -21.76 -6.29
C ASP D 109 26.47 -21.67 -5.90
N PHE D 110 26.77 -21.18 -4.71
CA PHE D 110 28.16 -20.96 -4.27
C PHE D 110 28.42 -21.75 -3.00
N TRP D 111 29.22 -22.81 -3.11
CA TRP D 111 29.66 -23.55 -1.95
C TRP D 111 31.05 -23.08 -1.55
N GLY D 112 31.23 -22.79 -0.27
CA GLY D 112 32.53 -22.41 0.26
C GLY D 112 33.43 -23.62 0.46
N GLN D 113 34.61 -23.35 0.99
CA GLN D 113 35.53 -24.42 1.33
C GLN D 113 35.14 -25.04 2.67
N GLY D 114 35.81 -26.14 3.01
CA GLY D 114 35.41 -26.95 4.14
C GLY D 114 36.55 -27.20 5.12
N THR D 115 36.16 -27.79 6.25
CA THR D 115 37.05 -28.15 7.34
C THR D 115 37.06 -29.66 7.52
N THR D 116 38.25 -30.21 7.71
CA THR D 116 38.44 -31.66 7.78
C THR D 116 38.58 -32.09 9.24
N LEU D 117 37.54 -32.74 9.76
CA LEU D 117 37.60 -33.32 11.09
C LEU D 117 38.32 -34.66 11.08
N THR D 118 38.59 -35.17 12.28
CA THR D 118 39.09 -36.54 12.44
C THR D 118 38.62 -36.99 13.83
N VAL D 119 37.53 -37.75 13.86
CA VAL D 119 36.98 -38.28 15.11
C VAL D 119 37.62 -39.65 15.31
N SER D 120 38.75 -39.66 16.02
CA SER D 120 39.51 -40.89 16.25
C SER D 120 38.69 -41.92 17.05
N SER D 136 9.95 -42.08 3.15
CA SER D 136 11.31 -42.10 3.66
C SER D 136 12.21 -41.21 2.81
N ASP D 137 13.36 -41.75 2.40
CA ASP D 137 14.33 -41.02 1.60
C ASP D 137 14.20 -41.41 0.14
N ILE D 138 14.27 -40.42 -0.75
CA ILE D 138 14.21 -40.67 -2.19
C ILE D 138 15.59 -41.19 -2.60
N VAL D 139 15.70 -42.51 -2.71
CA VAL D 139 16.97 -43.14 -3.04
C VAL D 139 17.30 -42.85 -4.50
N MET D 140 18.38 -42.13 -4.74
CA MET D 140 18.83 -41.80 -6.07
C MET D 140 20.10 -42.56 -6.40
N THR D 141 20.16 -43.09 -7.61
CA THR D 141 21.23 -44.00 -8.00
C THR D 141 21.85 -43.54 -9.31
N GLN D 142 23.08 -43.06 -9.25
CA GLN D 142 23.87 -42.78 -10.45
C GLN D 142 24.66 -44.06 -10.75
N ALA D 143 24.07 -44.90 -11.61
CA ALA D 143 24.63 -46.23 -11.85
C ALA D 143 26.03 -46.15 -12.46
N THR D 144 26.30 -45.14 -13.27
CA THR D 144 27.62 -44.99 -13.87
C THR D 144 28.63 -44.60 -12.80
N SER D 145 29.68 -45.42 -12.65
CA SER D 145 30.71 -45.16 -11.66
C SER D 145 31.97 -44.54 -12.25
N SER D 146 32.30 -44.87 -13.49
CA SER D 146 33.49 -44.32 -14.14
C SER D 146 33.30 -44.39 -15.65
N VAL D 147 33.43 -43.25 -16.31
CA VAL D 147 33.29 -43.14 -17.76
C VAL D 147 34.61 -42.64 -18.32
N PRO D 148 35.21 -43.30 -19.30
CA PRO D 148 36.48 -42.84 -19.86
C PRO D 148 36.29 -41.72 -20.87
N VAL D 149 37.22 -40.77 -20.83
CA VAL D 149 37.19 -39.63 -21.74
C VAL D 149 38.60 -39.16 -22.04
N PRO D 151 38.92 -36.31 -24.60
CA PRO D 151 38.65 -34.89 -24.80
C PRO D 151 38.10 -34.59 -26.19
N GLY D 152 37.34 -33.50 -26.32
CA GLY D 152 36.75 -33.12 -27.59
C GLY D 152 35.57 -33.96 -28.03
N GLU D 153 35.23 -35.02 -27.31
CA GLU D 153 34.12 -35.88 -27.65
C GLU D 153 32.98 -35.69 -26.65
N SER D 154 31.77 -36.00 -27.10
CA SER D 154 30.58 -35.84 -26.26
C SER D 154 30.43 -37.03 -25.32
N VAL D 155 29.99 -36.74 -24.09
CA VAL D 155 29.80 -37.75 -23.06
C VAL D 155 28.42 -37.52 -22.45
N SER D 156 27.87 -38.57 -21.82
CA SER D 156 26.57 -38.50 -21.19
C SER D 156 26.59 -39.22 -19.85
N ILE D 157 25.92 -38.63 -18.86
CA ILE D 157 25.76 -39.20 -17.53
C ILE D 157 24.27 -39.32 -17.25
N SER D 158 23.88 -40.36 -16.52
CA SER D 158 22.49 -40.63 -16.23
C SER D 158 22.25 -40.72 -14.73
N CYS D 159 21.07 -40.29 -14.29
CA CYS D 159 20.65 -40.39 -12.90
C CYS D 159 19.22 -40.90 -12.85
N ARG D 160 18.98 -41.88 -11.97
CA ARG D 160 17.66 -42.47 -11.79
C ARG D 160 17.13 -42.15 -10.40
N SER D 161 15.90 -41.66 -10.34
CA SER D 161 15.26 -41.30 -9.09
C SER D 161 14.37 -42.44 -8.60
N SER D 162 14.05 -42.41 -7.30
CA SER D 162 13.17 -43.44 -6.75
C SER D 162 11.71 -43.17 -7.09
N LYS D 163 11.19 -42.03 -6.64
CA LYS D 163 9.83 -41.63 -6.93
C LYS D 163 9.84 -40.46 -7.90
N SER D 164 8.64 -40.07 -8.35
CA SER D 164 8.51 -38.99 -9.32
C SER D 164 8.85 -37.65 -8.67
N LEU D 165 9.82 -36.94 -9.24
CA LEU D 165 10.24 -35.65 -8.72
C LEU D 165 9.44 -34.49 -9.30
N LEU D 166 8.67 -34.73 -10.35
CA LEU D 166 7.85 -33.69 -10.95
C LEU D 166 6.71 -33.31 -10.01
N HIS D 167 6.64 -32.05 -9.61
CA HIS D 167 5.59 -31.60 -8.72
C HIS D 167 4.39 -31.11 -9.54
N SER D 168 3.30 -30.77 -8.84
CA SER D 168 2.06 -30.42 -9.54
C SER D 168 2.18 -29.10 -10.28
N ASN D 169 3.07 -28.21 -9.85
CA ASN D 169 3.23 -26.91 -10.48
C ASN D 169 4.16 -26.93 -11.69
N GLY D 170 4.61 -28.11 -12.10
CA GLY D 170 5.43 -28.25 -13.30
C GLY D 170 6.92 -28.27 -13.07
N ASN D 171 7.39 -27.81 -11.92
CA ASN D 171 8.82 -27.79 -11.62
C ASN D 171 9.30 -29.18 -11.25
N THR D 172 10.40 -29.62 -11.86
CA THR D 172 11.05 -30.88 -11.51
C THR D 172 12.35 -30.54 -10.78
N TYR D 173 12.41 -30.85 -9.49
CA TYR D 173 13.54 -30.44 -8.65
C TYR D 173 14.62 -31.50 -8.70
N LEU D 174 15.60 -31.31 -9.59
CA LEU D 174 16.79 -32.14 -9.62
C LEU D 174 17.95 -31.28 -10.09
N TYR D 175 19.02 -31.27 -9.30
CA TYR D 175 20.17 -30.42 -9.52
C TYR D 175 21.39 -31.28 -9.85
N TRP D 176 22.30 -30.74 -10.66
CA TRP D 176 23.53 -31.42 -11.02
C TRP D 176 24.72 -30.61 -10.54
N PHE D 177 25.64 -31.26 -9.83
CA PHE D 177 26.84 -30.64 -9.32
C PHE D 177 28.08 -31.32 -9.89
N LEU D 178 29.13 -30.53 -10.09
CA LEU D 178 30.42 -31.01 -10.57
C LEU D 178 31.49 -30.69 -9.52
N GLN D 179 32.24 -31.70 -9.11
CA GLN D 179 33.35 -31.53 -8.18
C GLN D 179 34.64 -32.00 -8.85
N ARG D 180 35.61 -31.11 -8.96
CA ARG D 180 36.89 -31.44 -9.55
C ARG D 180 37.84 -32.00 -8.50
N PRO D 181 38.91 -32.67 -8.91
CA PRO D 181 39.88 -33.19 -7.92
C PRO D 181 40.49 -32.07 -7.09
N GLY D 182 40.20 -32.09 -5.78
CA GLY D 182 40.78 -31.12 -4.87
C GLY D 182 40.09 -29.78 -4.83
N GLN D 183 38.79 -29.72 -5.08
CA GLN D 183 38.04 -28.46 -5.06
C GLN D 183 36.69 -28.72 -4.40
N SER D 184 35.81 -27.71 -4.46
CA SER D 184 34.46 -27.78 -3.93
C SER D 184 33.44 -27.90 -5.05
N PRO D 185 32.43 -28.76 -4.91
CA PRO D 185 31.44 -28.90 -5.98
C PRO D 185 30.66 -27.63 -6.23
N GLN D 186 30.24 -27.45 -7.48
CA GLN D 186 29.57 -26.24 -7.92
C GLN D 186 28.28 -26.60 -8.67
N LEU D 187 27.39 -25.61 -8.77
CA LEU D 187 26.10 -25.82 -9.42
C LEU D 187 26.25 -25.73 -10.93
N LEU D 188 25.91 -26.81 -11.62
CA LEU D 188 25.85 -26.80 -13.08
C LEU D 188 24.45 -26.46 -13.58
N ILE D 189 23.48 -27.28 -13.19
CA ILE D 189 22.12 -27.18 -13.70
C ILE D 189 21.15 -27.32 -12.54
N TYR D 190 20.17 -26.43 -12.47
CA TYR D 190 19.14 -26.48 -11.45
C TYR D 190 17.78 -26.69 -12.10
N ARG D 191 16.97 -27.57 -11.48
CA ARG D 191 15.65 -27.96 -11.99
C ARG D 191 15.75 -28.65 -13.34
N MET D 192 16.87 -29.35 -13.57
CA MET D 192 17.07 -30.30 -14.65
C MET D 192 17.07 -29.66 -16.04
N SER D 193 16.73 -28.38 -16.13
CA SER D 193 16.67 -27.69 -17.42
C SER D 193 17.57 -26.47 -17.47
N ASN D 194 17.50 -25.61 -16.46
CA ASN D 194 18.16 -24.31 -16.51
C ASN D 194 19.65 -24.45 -16.23
N LEU D 195 20.44 -23.66 -16.95
CA LEU D 195 21.88 -23.61 -16.74
C LEU D 195 22.23 -22.52 -15.73
N ALA D 196 23.18 -22.82 -14.85
CA ALA D 196 23.61 -21.85 -13.87
C ALA D 196 24.51 -20.81 -14.53
N SER D 197 24.66 -19.67 -13.86
CA SER D 197 25.45 -18.57 -14.38
C SER D 197 26.94 -18.87 -14.22
N GLY D 198 27.71 -18.47 -15.23
CA GLY D 198 29.13 -18.77 -15.26
C GLY D 198 29.48 -20.17 -15.68
N VAL D 199 28.52 -20.94 -16.16
CA VAL D 199 28.74 -22.32 -16.60
C VAL D 199 28.91 -22.30 -18.11
N PRO D 200 29.94 -22.97 -18.66
CA PRO D 200 30.08 -23.00 -20.12
C PRO D 200 28.88 -23.67 -20.77
N ASP D 201 28.54 -23.19 -21.97
CA ASP D 201 27.34 -23.63 -22.66
C ASP D 201 27.47 -25.04 -23.24
N ARG D 202 28.60 -25.71 -23.04
CA ARG D 202 28.74 -27.07 -23.54
C ARG D 202 27.95 -28.07 -22.71
N PHE D 203 27.61 -27.74 -21.47
CA PHE D 203 26.79 -28.61 -20.65
C PHE D 203 25.32 -28.45 -21.01
N SER D 204 24.58 -29.55 -20.94
CA SER D 204 23.14 -29.52 -21.17
C SER D 204 22.51 -30.62 -20.32
N GLY D 205 21.25 -30.43 -19.98
CA GLY D 205 20.54 -31.39 -19.14
C GLY D 205 19.12 -31.56 -19.61
N SER D 206 18.61 -32.77 -19.44
CA SER D 206 17.28 -33.10 -19.94
C SER D 206 16.82 -34.39 -19.27
N GLY D 207 15.69 -34.92 -19.73
CA GLY D 207 15.15 -36.17 -19.24
C GLY D 207 13.67 -36.05 -18.95
N SER D 208 13.12 -37.11 -18.36
CA SER D 208 11.72 -37.16 -17.99
C SER D 208 11.65 -37.62 -16.54
N GLY D 209 10.43 -37.60 -15.98
CA GLY D 209 10.21 -38.04 -14.62
C GLY D 209 10.87 -39.36 -14.29
N THR D 210 11.72 -39.35 -13.27
CA THR D 210 12.46 -40.50 -12.73
C THR D 210 13.56 -41.00 -13.65
N ALA D 211 13.98 -40.24 -14.66
CA ALA D 211 15.12 -40.61 -15.50
C ALA D 211 15.70 -39.34 -16.10
N PHE D 212 16.90 -38.96 -15.67
CA PHE D 212 17.47 -37.67 -16.04
C PHE D 212 18.86 -37.89 -16.63
N THR D 213 19.28 -36.98 -17.51
CA THR D 213 20.55 -37.12 -18.20
C THR D 213 21.24 -35.78 -18.34
N LEU D 214 22.57 -35.81 -18.32
CA LEU D 214 23.42 -34.66 -18.54
C LEU D 214 24.35 -34.98 -19.71
N THR D 215 24.38 -34.09 -20.70
CA THR D 215 25.18 -34.27 -21.90
C THR D 215 26.22 -33.17 -22.00
N ILE D 216 27.48 -33.57 -22.22
CA ILE D 216 28.60 -32.65 -22.38
C ILE D 216 29.15 -32.82 -23.79
N SER D 217 29.51 -31.71 -24.42
CA SER D 217 30.06 -31.70 -25.76
C SER D 217 31.40 -30.98 -25.77
N ARG D 218 32.35 -31.52 -26.53
CA ARG D 218 33.67 -30.93 -26.70
C ARG D 218 34.35 -30.71 -25.35
N LEU D 219 34.67 -31.83 -24.69
CA LEU D 219 35.31 -31.78 -23.39
C LEU D 219 36.66 -31.06 -23.49
N GLU D 220 36.96 -30.26 -22.47
CA GLU D 220 38.22 -29.55 -22.36
C GLU D 220 38.96 -30.02 -21.11
N ALA D 221 40.10 -29.38 -20.85
CA ALA D 221 40.84 -29.67 -19.64
C ALA D 221 40.13 -29.07 -18.44
N GLU D 222 40.58 -29.49 -17.24
CA GLU D 222 39.97 -29.06 -15.98
C GLU D 222 38.47 -29.34 -15.94
N ASP D 223 38.03 -30.36 -16.68
CA ASP D 223 36.62 -30.76 -16.69
C ASP D 223 36.40 -32.16 -16.14
N VAL D 224 37.45 -32.96 -15.96
CA VAL D 224 37.30 -34.25 -15.31
C VAL D 224 36.92 -34.04 -13.85
N GLY D 225 36.13 -34.96 -13.32
CA GLY D 225 35.68 -34.85 -11.95
C GLY D 225 34.53 -35.81 -11.70
N VAL D 226 33.76 -35.50 -10.65
CA VAL D 226 32.65 -36.33 -10.23
C VAL D 226 31.37 -35.52 -10.35
N TYR D 227 30.29 -36.18 -10.79
CA TYR D 227 29.01 -35.54 -11.03
C TYR D 227 27.99 -36.11 -10.06
N TYR D 228 27.34 -35.22 -9.30
CA TYR D 228 26.34 -35.60 -8.31
C TYR D 228 24.97 -35.09 -8.73
N CYS D 229 23.96 -35.95 -8.59
CA CYS D 229 22.57 -35.57 -8.87
C CYS D 229 21.82 -35.51 -7.55
N MET D 230 21.40 -34.31 -7.16
CA MET D 230 20.67 -34.06 -5.94
C MET D 230 19.20 -33.82 -6.24
N GLN D 231 18.34 -34.21 -5.30
CA GLN D 231 16.93 -33.84 -5.35
C GLN D 231 16.64 -32.83 -4.26
N HIS D 232 15.62 -32.01 -4.47
CA HIS D 232 15.25 -30.96 -3.53
C HIS D 232 13.75 -30.94 -3.31
N LEU D 233 13.16 -32.10 -3.07
CA LEU D 233 11.71 -32.22 -3.02
C LEU D 233 11.13 -32.41 -1.63
N GLU D 234 11.81 -33.14 -0.74
CA GLU D 234 11.21 -33.56 0.52
C GLU D 234 11.99 -33.12 1.76
N TYR D 235 13.18 -32.57 1.59
CA TYR D 235 14.09 -32.14 2.65
C TYR D 235 14.61 -33.24 3.59
N PRO D 236 14.98 -34.42 3.09
CA PRO D 236 16.21 -35.04 3.59
C PRO D 236 17.35 -34.75 2.64
N LEU D 237 16.99 -34.21 1.46
CA LEU D 237 17.93 -33.76 0.44
C LEU D 237 19.02 -34.80 0.15
N THR D 238 18.56 -35.97 -0.31
CA THR D 238 19.50 -37.05 -0.63
C THR D 238 20.29 -36.71 -1.89
N PHE D 239 21.53 -37.17 -1.93
CA PHE D 239 22.41 -36.94 -3.07
C PHE D 239 22.58 -38.23 -3.86
N GLY D 240 23.46 -38.17 -4.86
CA GLY D 240 23.78 -39.33 -5.66
C GLY D 240 25.10 -39.96 -5.24
N ALA D 241 25.46 -41.04 -5.94
CA ALA D 241 26.70 -41.73 -5.65
C ALA D 241 27.89 -41.03 -6.29
N GLY D 242 27.75 -40.67 -7.56
CA GLY D 242 28.82 -39.99 -8.27
C GLY D 242 29.28 -40.71 -9.51
N THR D 243 29.97 -39.99 -10.40
CA THR D 243 30.48 -40.59 -11.64
C THR D 243 31.79 -39.90 -11.99
N LYS D 244 32.90 -40.61 -11.79
CA LYS D 244 34.21 -40.04 -12.07
C LYS D 244 34.55 -40.17 -13.55
N LEU D 245 34.95 -39.07 -14.17
CA LEU D 245 35.39 -39.07 -15.56
C LEU D 245 36.91 -39.10 -15.58
N GLU D 246 37.49 -40.25 -15.95
CA GLU D 246 38.93 -40.42 -15.98
C GLU D 246 39.43 -40.36 -17.43
N LEU D 247 40.72 -40.12 -17.58
CA LEU D 247 41.33 -40.06 -18.89
C LEU D 247 41.49 -41.45 -19.50
N LEU E 5 2.40 -27.42 -1.71
CA LEU E 5 3.64 -26.66 -1.67
C LEU E 5 4.85 -27.59 -1.60
N SER E 6 5.72 -27.48 -2.60
CA SER E 6 6.94 -28.26 -2.63
C SER E 6 7.94 -27.74 -1.60
N ALA E 7 9.12 -28.37 -1.57
CA ALA E 7 10.14 -27.98 -0.61
C ALA E 7 10.62 -26.55 -0.80
N GLU E 8 10.44 -25.98 -1.99
CA GLU E 8 10.88 -24.62 -2.27
C GLU E 8 9.76 -23.60 -2.18
N ASP E 9 8.51 -24.01 -2.40
CA ASP E 9 7.40 -23.06 -2.27
C ASP E 9 7.22 -22.62 -0.82
N LYS E 10 7.48 -23.51 0.14
CA LYS E 10 7.40 -23.11 1.54
C LYS E 10 8.45 -22.05 1.87
N ALA E 11 9.66 -22.23 1.35
CA ALA E 11 10.70 -21.22 1.57
C ALA E 11 10.37 -19.91 0.86
N ALA E 12 9.75 -19.98 -0.31
CA ALA E 12 9.31 -18.78 -1.00
C ALA E 12 8.26 -18.02 -0.19
N VAL E 13 7.29 -18.75 0.38
CA VAL E 13 6.28 -18.11 1.22
C VAL E 13 6.91 -17.52 2.48
N GLU E 14 7.90 -18.20 3.06
CA GLU E 14 8.57 -17.64 4.24
C GLU E 14 9.31 -16.35 3.89
N ARG E 15 10.00 -16.33 2.75
CA ARG E 15 10.67 -15.11 2.32
C ARG E 15 9.65 -13.99 2.07
N SER E 16 8.50 -14.34 1.50
CA SER E 16 7.47 -13.32 1.26
C SER E 16 6.93 -12.77 2.58
N LYS E 17 6.77 -13.63 3.58
CA LYS E 17 6.28 -13.16 4.87
C LYS E 17 7.31 -12.26 5.56
N MET E 18 8.60 -12.57 5.39
CA MET E 18 9.62 -11.69 5.94
C MET E 18 9.64 -10.34 5.22
N ILE E 19 9.50 -10.36 3.89
CA ILE E 19 9.40 -9.12 3.12
C ILE E 19 8.23 -8.29 3.61
N ASP E 20 7.08 -8.93 3.86
CA ASP E 20 5.90 -8.19 4.28
C ASP E 20 6.07 -7.65 5.71
N ARG E 21 6.77 -8.40 6.56
CA ARG E 21 7.09 -7.92 7.90
C ARG E 21 7.94 -6.65 7.83
N ASN E 22 8.97 -6.67 6.98
CA ASN E 22 9.81 -5.47 6.84
C ASN E 22 9.02 -4.31 6.26
N LEU E 23 8.11 -4.59 5.33
CA LEU E 23 7.20 -3.56 4.83
C LEU E 23 6.39 -2.93 5.97
N ARG E 24 5.84 -3.76 6.86
CA ARG E 24 5.04 -3.23 7.96
C ARG E 24 5.88 -2.38 8.90
N GLU E 25 7.09 -2.85 9.24
CA GLU E 25 7.95 -2.07 10.14
C GLU E 25 8.30 -0.72 9.53
N ASP E 26 8.69 -0.72 8.25
CA ASP E 26 9.05 0.55 7.61
C ASP E 26 7.84 1.46 7.46
N GLY E 27 6.65 0.89 7.26
CA GLY E 27 5.46 1.71 7.16
C GLY E 27 5.09 2.36 8.48
N GLU E 28 5.18 1.61 9.58
CA GLU E 28 4.90 2.22 10.87
C GLU E 28 5.98 3.22 11.26
N LYS E 29 7.21 3.02 10.78
CA LYS E 29 8.26 4.00 10.99
C LYS E 29 8.00 5.27 10.19
N ALA E 30 7.39 5.15 9.01
CA ALA E 30 7.13 6.30 8.16
C ALA E 30 5.74 6.90 8.38
N ARG E 31 4.95 6.35 9.30
CA ARG E 31 3.70 6.99 9.67
C ARG E 31 3.88 8.05 10.75
N ARG E 32 4.89 7.89 11.61
CA ARG E 32 5.13 8.85 12.68
C ARG E 32 5.45 10.24 12.12
N GLU E 33 6.25 10.29 11.06
CA GLU E 33 6.75 11.56 10.55
C GLU E 33 5.65 12.31 9.80
N LEU E 34 5.77 13.64 9.81
CA LEU E 34 4.85 14.53 9.14
C LEU E 34 5.53 15.15 7.92
N LYS E 35 4.74 15.54 6.93
CA LYS E 35 5.26 16.07 5.69
C LYS E 35 4.62 17.43 5.40
N LEU E 36 5.46 18.43 5.21
CA LEU E 36 5.05 19.79 4.88
C LEU E 36 5.51 20.12 3.48
N LEU E 37 4.76 20.94 2.77
CA LEU E 37 5.03 21.28 1.39
C LEU E 37 5.37 22.76 1.29
N LEU E 38 6.61 23.09 0.96
CA LEU E 38 7.05 24.47 0.84
C LEU E 38 6.85 24.93 -0.60
N LEU E 39 6.00 25.94 -0.78
CA LEU E 39 5.64 26.45 -2.11
C LEU E 39 5.90 27.95 -2.15
N GLY E 40 7.14 28.32 -2.46
CA GLY E 40 7.50 29.72 -2.55
C GLY E 40 7.25 30.28 -3.92
N THR E 41 7.14 31.60 -4.00
CA THR E 41 6.87 32.28 -5.25
C THR E 41 8.19 32.64 -5.94
N GLY E 42 8.10 33.41 -7.02
CA GLY E 42 9.30 33.81 -7.74
C GLY E 42 10.05 34.91 -7.01
N GLU E 43 11.35 34.74 -6.84
CA GLU E 43 12.20 35.66 -6.10
C GLU E 43 11.62 35.99 -4.73
N SER E 44 11.07 34.97 -4.08
CA SER E 44 10.61 35.09 -2.70
C SER E 44 11.71 34.80 -1.70
N GLY E 45 12.86 34.31 -2.15
CA GLY E 45 14.00 34.08 -1.29
C GLY E 45 13.78 33.04 -0.21
N LYS E 46 13.57 31.79 -0.61
CA LYS E 46 13.44 30.70 0.36
C LYS E 46 14.74 29.98 0.60
N SER E 47 15.81 30.34 -0.13
CA SER E 47 17.11 29.73 0.12
C SER E 47 17.64 30.13 1.50
N THR E 48 17.74 31.44 1.76
CA THR E 48 18.11 31.91 3.08
C THR E 48 17.10 31.46 4.13
N PHE E 49 15.84 31.30 3.74
CA PHE E 49 14.81 30.85 4.67
C PHE E 49 15.12 29.45 5.20
N ILE E 50 15.31 28.49 4.28
CA ILE E 50 15.61 27.14 4.72
C ILE E 50 16.99 27.08 5.36
N LYS E 51 17.93 27.92 4.91
CA LYS E 51 19.23 27.97 5.56
C LYS E 51 19.10 28.35 7.03
N GLN E 52 18.30 29.39 7.32
CA GLN E 52 18.10 29.80 8.70
C GLN E 52 17.37 28.73 9.50
N MET E 53 16.29 28.17 8.94
CA MET E 53 15.56 27.14 9.65
C MET E 53 16.39 25.88 9.87
N ARG E 54 17.45 25.67 9.10
CA ARG E 54 18.29 24.50 9.28
C ARG E 54 19.47 24.76 10.21
N ILE E 55 20.03 25.97 10.19
CA ILE E 55 21.25 26.24 10.95
C ILE E 55 20.97 26.31 12.45
N ILE E 56 19.84 26.87 12.86
CA ILE E 56 19.56 27.06 14.30
C ILE E 56 18.88 25.78 14.78
N HIS E 57 19.71 24.76 15.01
CA HIS E 57 19.32 23.49 15.64
C HIS E 57 17.94 23.02 15.17
N GLY E 58 17.80 22.88 13.86
CA GLY E 58 16.56 22.44 13.27
C GLY E 58 16.20 21.01 13.64
N GLY E 182 15.79 18.86 -8.71
CA GLY E 182 14.41 18.42 -8.63
C GLY E 182 13.79 18.63 -7.27
N ILE E 183 13.05 17.62 -6.80
CA ILE E 183 12.43 17.71 -5.49
C ILE E 183 13.49 17.48 -4.42
N ILE E 184 13.35 18.18 -3.30
CA ILE E 184 14.28 18.07 -2.18
C ILE E 184 13.46 17.86 -0.91
N GLU E 185 14.00 17.07 0.02
CA GLU E 185 13.37 16.83 1.31
C GLU E 185 14.35 17.17 2.41
N TYR E 186 13.96 18.09 3.28
CA TYR E 186 14.74 18.42 4.46
C TYR E 186 14.08 17.81 5.69
N PRO E 187 14.72 16.86 6.37
CA PRO E 187 14.13 16.32 7.60
C PRO E 187 14.51 17.10 8.84
N PHE E 188 13.53 17.43 9.67
CA PHE E 188 13.75 18.17 10.92
C PHE E 188 13.26 17.32 12.08
N ASP E 189 14.16 17.03 13.01
CA ASP E 189 13.83 16.25 14.21
C ASP E 189 13.48 17.23 15.33
N LEU E 190 12.20 17.26 15.69
CA LEU E 190 11.68 18.19 16.69
C LEU E 190 10.87 17.41 17.73
N GLN E 191 11.46 17.17 18.89
CA GLN E 191 10.77 16.66 20.07
C GLN E 191 9.89 15.44 19.74
N SER E 192 10.55 14.36 19.33
CA SER E 192 9.89 13.10 19.00
C SER E 192 8.94 13.26 17.83
N VAL E 193 9.19 14.22 16.96
CA VAL E 193 8.44 14.43 15.73
C VAL E 193 9.45 14.61 14.61
N ILE E 194 9.10 14.20 13.39
CA ILE E 194 9.99 14.34 12.24
C ILE E 194 9.22 15.03 11.13
N PHE E 195 9.50 16.32 10.94
CA PHE E 195 8.95 17.06 9.82
C PHE E 195 9.77 16.80 8.56
N ARG E 196 9.11 16.85 7.41
CA ARG E 196 9.77 16.74 6.12
C ARG E 196 9.38 17.95 5.28
N MET E 197 10.27 18.92 5.19
CA MET E 197 10.05 20.08 4.32
C MET E 197 10.33 19.65 2.89
N VAL E 198 9.27 19.51 2.09
CA VAL E 198 9.38 19.09 0.70
C VAL E 198 9.37 20.34 -0.18
N ASP E 199 10.50 20.61 -0.81
CA ASP E 199 10.65 21.76 -1.70
C ASP E 199 10.70 21.26 -3.14
N VAL E 200 9.73 21.69 -3.94
CA VAL E 200 9.71 21.35 -5.36
C VAL E 200 10.47 22.46 -6.08
N GLY E 201 11.79 22.31 -6.13
CA GLY E 201 12.65 23.36 -6.63
C GLY E 201 12.56 23.61 -8.12
N GLY E 202 13.03 22.65 -8.93
CA GLY E 202 13.03 22.82 -10.36
C GLY E 202 12.00 21.97 -11.05
N GLN E 203 10.91 22.60 -11.49
CA GLN E 203 9.82 21.90 -12.17
C GLN E 203 9.28 22.77 -13.29
N ARG E 204 9.32 22.23 -14.50
CA ARG E 204 8.71 22.84 -15.68
C ARG E 204 7.42 22.10 -16.05
N SER E 205 6.64 21.73 -15.04
CA SER E 205 5.54 20.79 -15.21
C SER E 205 4.18 21.41 -14.95
N GLU E 206 4.09 22.74 -14.88
CA GLU E 206 2.85 23.50 -14.80
C GLU E 206 1.99 23.13 -13.58
N ARG E 207 2.54 22.33 -12.66
CA ARG E 207 2.00 22.12 -11.32
C ARG E 207 0.66 21.38 -11.29
N ARG E 208 0.07 21.10 -12.44
CA ARG E 208 -1.26 20.51 -12.44
C ARG E 208 -1.23 18.99 -12.47
N LYS E 209 -0.10 18.39 -12.85
CA LYS E 209 -0.02 16.95 -13.09
C LYS E 209 0.60 16.17 -11.96
N TRP E 210 1.47 16.77 -11.16
CA TRP E 210 2.12 16.07 -10.06
C TRP E 210 1.59 16.46 -8.69
N ILE E 211 0.75 17.49 -8.60
CA ILE E 211 0.35 18.00 -7.30
C ILE E 211 -0.52 17.01 -6.54
N HIS E 212 -1.20 16.09 -7.23
CA HIS E 212 -2.02 15.11 -6.53
C HIS E 212 -1.20 14.10 -5.76
N CYS E 213 0.13 14.16 -5.86
CA CYS E 213 0.98 13.38 -4.97
C CYS E 213 0.90 13.92 -3.54
N PHE E 214 0.80 15.23 -3.40
CA PHE E 214 0.73 15.86 -2.08
C PHE E 214 -0.72 16.18 -1.72
N GLU E 215 -1.52 15.12 -1.56
CA GLU E 215 -2.88 15.31 -1.11
C GLU E 215 -3.09 14.87 0.33
N ASN E 216 -2.10 14.24 0.95
CA ASN E 216 -2.15 13.83 2.35
C ASN E 216 -1.18 14.63 3.22
N VAL E 217 -0.64 15.74 2.71
CA VAL E 217 0.27 16.54 3.50
C VAL E 217 -0.49 17.17 4.66
N THR E 218 0.21 17.35 5.78
CA THR E 218 -0.43 17.94 6.95
C THR E 218 -0.73 19.42 6.73
N SER E 219 0.21 20.15 6.15
CA SER E 219 -0.01 21.57 5.89
C SER E 219 0.94 22.05 4.80
N ILE E 220 0.44 22.96 3.99
CA ILE E 220 1.26 23.67 3.01
C ILE E 220 2.04 24.73 3.75
N MET E 221 3.13 25.21 3.15
CA MET E 221 3.90 26.31 3.71
C MET E 221 4.12 27.33 2.61
N PHE E 222 3.16 28.23 2.43
CA PHE E 222 3.28 29.28 1.43
C PHE E 222 4.28 30.31 1.93
N LEU E 223 5.22 30.71 1.08
CA LEU E 223 6.25 31.67 1.44
C LEU E 223 6.18 32.86 0.49
N VAL E 224 5.69 33.99 1.00
CA VAL E 224 5.55 35.20 0.21
C VAL E 224 6.63 36.19 0.64
N ALA E 225 6.77 37.25 -0.14
CA ALA E 225 7.66 38.35 0.18
C ALA E 225 6.85 39.64 0.27
N LEU E 226 7.23 40.51 1.20
CA LEU E 226 6.49 41.75 1.40
C LEU E 226 7.00 42.86 0.50
N SER E 227 8.31 42.88 0.24
CA SER E 227 8.92 43.99 -0.48
C SER E 227 8.59 44.01 -1.97
N GLU E 228 7.90 42.99 -2.48
CA GLU E 228 7.65 42.87 -3.92
C GLU E 228 6.28 43.40 -4.33
N TYR E 229 5.77 44.41 -3.64
CA TYR E 229 4.57 45.10 -4.10
C TYR E 229 4.87 46.14 -5.16
N ASP E 230 6.13 46.27 -5.57
CA ASP E 230 6.56 47.25 -6.54
C ASP E 230 7.12 46.63 -7.81
N GLN E 231 7.78 45.49 -7.72
CA GLN E 231 8.41 44.87 -8.88
C GLN E 231 7.35 44.40 -9.88
N VAL E 232 7.62 44.65 -11.16
CA VAL E 232 6.72 44.23 -12.22
C VAL E 232 7.43 43.23 -13.12
N ASN E 240 1.99 43.83 -11.36
CA ASN E 240 3.24 43.76 -10.62
C ASN E 240 3.48 42.35 -10.10
N ARG E 241 4.56 42.18 -9.34
CA ARG E 241 4.96 40.84 -8.90
C ARG E 241 3.99 40.28 -7.86
N MET E 242 3.41 41.14 -7.02
CA MET E 242 2.61 40.66 -5.91
C MET E 242 1.32 40.00 -6.39
N GLU E 243 0.66 40.57 -7.41
CA GLU E 243 -0.55 39.95 -7.94
C GLU E 243 -0.29 38.54 -8.44
N GLU E 244 0.92 38.29 -8.95
CA GLU E 244 1.27 36.92 -9.33
C GLU E 244 1.26 36.00 -8.12
N SER E 245 1.80 36.47 -6.99
CA SER E 245 1.78 35.68 -5.76
C SER E 245 0.36 35.45 -5.28
N LYS E 246 -0.50 36.47 -5.38
CA LYS E 246 -1.90 36.31 -4.99
C LYS E 246 -2.59 35.27 -5.85
N ALA E 247 -2.37 35.33 -7.17
CA ALA E 247 -2.99 34.37 -8.07
C ALA E 247 -2.49 32.96 -7.81
N LEU E 248 -1.18 32.81 -7.55
CA LEU E 248 -0.65 31.49 -7.22
C LEU E 248 -1.26 30.95 -5.93
N PHE E 249 -1.39 31.80 -4.91
CA PHE E 249 -2.00 31.36 -3.65
C PHE E 249 -3.44 30.94 -3.86
N ARG E 250 -4.21 31.74 -4.60
CA ARG E 250 -5.60 31.41 -4.89
C ARG E 250 -5.72 30.12 -5.68
N THR E 251 -4.78 29.86 -6.59
CA THR E 251 -4.84 28.63 -7.38
C THR E 251 -4.52 27.41 -6.52
N ILE E 252 -3.47 27.49 -5.71
CA ILE E 252 -3.06 26.34 -4.91
C ILE E 252 -4.07 26.05 -3.81
N ILE E 253 -4.71 27.08 -3.26
CA ILE E 253 -5.56 26.89 -2.09
C ILE E 253 -6.90 26.24 -2.43
N THR E 254 -7.30 26.23 -3.70
CA THR E 254 -8.61 25.72 -4.10
C THR E 254 -8.55 24.34 -4.75
N TYR E 255 -7.37 23.72 -4.85
CA TYR E 255 -7.31 22.38 -5.40
C TYR E 255 -8.08 21.41 -4.51
N PRO E 256 -8.82 20.46 -5.09
CA PRO E 256 -9.55 19.49 -4.27
C PRO E 256 -8.66 18.54 -3.49
N TRP E 257 -7.34 18.62 -3.65
CA TRP E 257 -6.44 17.77 -2.87
C TRP E 257 -6.16 18.36 -1.50
N PHE E 258 -6.11 19.68 -1.39
CA PHE E 258 -5.84 20.36 -0.13
C PHE E 258 -7.16 20.75 0.51
N GLN E 259 -7.83 19.75 1.09
CA GLN E 259 -9.02 19.97 1.90
C GLN E 259 -8.84 19.57 3.36
N ASN E 260 -7.87 18.70 3.67
CA ASN E 260 -7.56 18.32 5.04
C ASN E 260 -6.20 18.84 5.48
N SER E 261 -5.76 19.94 4.88
CA SER E 261 -4.44 20.49 5.14
C SER E 261 -4.54 22.01 5.25
N SER E 262 -3.98 22.56 6.32
CA SER E 262 -4.02 23.99 6.57
C SER E 262 -2.93 24.70 5.77
N VAL E 263 -3.05 26.02 5.70
CA VAL E 263 -2.09 26.87 5.03
C VAL E 263 -1.28 27.61 6.08
N ILE E 264 0.03 27.76 5.85
CA ILE E 264 0.92 28.42 6.78
C ILE E 264 1.67 29.49 5.98
N LEU E 265 1.13 30.70 5.95
CA LEU E 265 1.82 31.81 5.27
C LEU E 265 3.05 32.21 6.04
N PHE E 266 4.10 32.57 5.31
CA PHE E 266 5.21 33.35 5.84
C PHE E 266 5.37 34.58 4.96
N LEU E 267 5.84 35.67 5.54
CA LEU E 267 6.04 36.91 4.79
C LEU E 267 7.47 37.39 5.05
N ASN E 268 8.40 36.90 4.24
CA ASN E 268 9.81 37.21 4.38
C ASN E 268 10.06 38.69 4.08
N LYS E 269 11.29 39.11 4.33
CA LYS E 269 11.81 40.42 3.91
C LYS E 269 11.01 41.57 4.54
N LYS E 270 10.72 41.42 5.82
CA LYS E 270 9.95 42.44 6.52
C LYS E 270 10.76 43.71 6.74
N ASP E 271 12.03 43.57 7.12
CA ASP E 271 12.87 44.75 7.32
C ASP E 271 13.07 45.51 6.02
N LEU E 272 13.09 44.80 4.89
CA LEU E 272 13.13 45.49 3.61
C LEU E 272 11.86 46.30 3.38
N LEU E 273 10.72 45.82 3.85
CA LEU E 273 9.50 46.61 3.75
C LEU E 273 9.57 47.83 4.66
N GLU E 274 10.05 47.66 5.89
CA GLU E 274 10.12 48.79 6.82
C GLU E 274 11.07 49.86 6.30
N GLU E 275 12.19 49.46 5.70
CA GLU E 275 13.14 50.41 5.14
C GLU E 275 12.70 50.96 3.79
N LYS E 276 11.84 50.23 3.07
CA LYS E 276 11.43 50.58 1.73
C LYS E 276 10.09 51.29 1.66
N ILE E 277 9.25 51.15 2.69
CA ILE E 277 7.89 51.68 2.63
C ILE E 277 7.91 53.21 2.56
N MET E 278 8.99 53.84 3.02
CA MET E 278 9.14 55.27 2.83
C MET E 278 9.25 55.59 1.34
N TYR E 279 8.85 56.82 0.99
CA TYR E 279 8.91 57.35 -0.37
C TYR E 279 8.26 56.41 -1.39
N SER E 280 7.57 55.39 -0.88
CA SER E 280 6.99 54.35 -1.72
C SER E 280 5.62 54.59 -2.32
N HIS E 281 4.76 55.35 -1.62
CA HIS E 281 3.41 55.63 -2.12
C HIS E 281 2.69 54.33 -2.50
N LEU E 282 2.56 53.44 -1.52
CA LEU E 282 1.94 52.13 -1.69
C LEU E 282 0.48 52.14 -2.16
N VAL E 283 -0.17 53.28 -1.85
CA VAL E 283 -1.57 53.64 -2.13
C VAL E 283 -1.97 53.80 -3.60
N ASP E 284 -0.95 53.94 -4.44
CA ASP E 284 -1.08 53.96 -5.91
C ASP E 284 -0.88 52.57 -6.55
N TYR E 285 0.00 51.76 -5.97
CA TYR E 285 0.23 50.41 -6.47
C TYR E 285 -0.95 49.50 -6.12
N PHE E 286 -1.32 49.44 -4.85
CA PHE E 286 -2.57 48.78 -4.48
C PHE E 286 -3.71 49.79 -4.39
N PRO E 287 -4.90 49.42 -4.86
CA PRO E 287 -5.94 50.42 -5.13
C PRO E 287 -6.45 51.19 -3.92
N GLU E 288 -6.99 50.50 -2.92
CA GLU E 288 -7.74 51.21 -1.88
C GLU E 288 -6.83 51.81 -0.80
N TYR E 289 -6.19 50.94 -0.01
CA TYR E 289 -5.30 51.36 1.08
C TYR E 289 -5.86 52.50 1.92
N ASP E 290 -6.95 52.26 2.64
CA ASP E 290 -7.56 53.29 3.47
C ASP E 290 -6.59 53.95 4.44
N GLY E 291 -5.56 53.23 4.90
CA GLY E 291 -4.69 53.71 5.94
C GLY E 291 -3.80 54.88 5.57
N PRO E 292 -2.87 55.23 6.46
CA PRO E 292 -2.02 56.41 6.22
C PRO E 292 -0.91 56.12 5.22
N GLN E 293 -0.64 57.12 4.38
CA GLN E 293 0.35 56.99 3.30
C GLN E 293 1.80 56.96 3.76
N ARG E 294 1.98 56.95 5.07
CA ARG E 294 3.32 56.90 5.66
C ARG E 294 3.79 55.47 5.86
N ASP E 295 4.88 55.31 6.60
CA ASP E 295 5.46 54.00 6.87
C ASP E 295 4.67 53.32 7.98
N ALA E 296 3.36 53.36 7.85
CA ALA E 296 2.46 52.77 8.83
C ALA E 296 2.46 51.25 8.79
N GLN E 297 1.93 50.65 9.85
CA GLN E 297 1.83 49.20 9.95
C GLN E 297 0.76 48.65 9.02
N ALA E 298 0.08 49.56 8.32
CA ALA E 298 -0.96 49.15 7.38
C ALA E 298 -0.37 48.32 6.24
N ALA E 299 0.80 48.72 5.77
CA ALA E 299 1.47 48.02 4.68
C ALA E 299 1.69 46.55 5.01
N ARG E 300 1.85 46.23 6.28
CA ARG E 300 2.06 44.85 6.69
C ARG E 300 0.74 44.13 6.94
N GLU E 301 -0.26 44.83 7.47
CA GLU E 301 -1.56 44.22 7.73
C GLU E 301 -2.47 44.27 6.51
N PHE E 302 -2.35 45.31 5.69
CA PHE E 302 -3.10 45.37 4.45
C PHE E 302 -2.75 44.22 3.52
N ILE E 303 -1.45 43.87 3.44
CA ILE E 303 -1.03 42.79 2.57
C ILE E 303 -1.50 41.44 3.10
N LEU E 304 -1.49 41.28 4.43
CA LEU E 304 -2.02 40.05 5.02
C LEU E 304 -3.51 39.93 4.77
N LYS E 305 -4.24 41.05 4.84
CA LYS E 305 -5.67 41.00 4.56
C LYS E 305 -5.93 40.64 3.10
N MET E 306 -5.12 41.20 2.19
CA MET E 306 -5.23 40.84 0.78
C MET E 306 -5.00 39.34 0.57
N PHE E 307 -3.99 38.79 1.25
CA PHE E 307 -3.69 37.37 1.08
C PHE E 307 -4.65 36.45 1.83
N VAL E 308 -5.43 36.98 2.78
CA VAL E 308 -6.37 36.15 3.52
C VAL E 308 -7.72 36.17 2.82
N ASP E 309 -8.07 37.30 2.20
CA ASP E 309 -9.35 37.40 1.52
C ASP E 309 -9.47 36.52 0.28
N LEU E 310 -8.42 35.78 -0.07
CA LEU E 310 -8.47 34.82 -1.18
C LEU E 310 -8.78 33.42 -0.70
N ASN E 311 -9.14 33.25 0.56
CA ASN E 311 -9.44 31.93 1.11
C ASN E 311 -10.93 31.66 1.07
N PRO E 312 -11.36 30.48 0.61
CA PRO E 312 -12.75 30.07 0.85
C PRO E 312 -13.03 30.02 2.33
N ASP E 313 -13.95 30.86 2.81
CA ASP E 313 -14.05 31.16 4.22
C ASP E 313 -14.81 30.07 4.98
N SER E 314 -14.72 30.15 6.30
CA SER E 314 -15.48 29.43 7.33
C SER E 314 -15.04 27.98 7.51
N ASP E 315 -14.12 27.47 6.70
CA ASP E 315 -13.67 26.08 6.87
C ASP E 315 -12.17 25.97 7.13
N LYS E 316 -11.36 26.84 6.57
CA LYS E 316 -9.91 26.74 6.65
C LYS E 316 -9.36 27.94 7.41
N ILE E 317 -8.34 27.70 8.23
CA ILE E 317 -7.66 28.76 8.98
C ILE E 317 -6.25 28.91 8.44
N ILE E 318 -5.81 30.15 8.27
CA ILE E 318 -4.50 30.47 7.70
C ILE E 318 -3.58 30.91 8.83
N TYR E 319 -2.54 30.14 9.08
CA TYR E 319 -1.61 30.44 10.17
C TYR E 319 -0.53 31.41 9.67
N SER E 320 -0.90 32.68 9.64
CA SER E 320 0.00 33.71 9.12
C SER E 320 1.22 33.87 10.03
N HIS E 321 2.15 34.70 9.58
CA HIS E 321 3.40 35.00 10.27
C HIS E 321 4.11 36.10 9.52
N PHE E 322 4.94 36.86 10.22
CA PHE E 322 5.73 37.93 9.63
C PHE E 322 7.20 37.66 9.94
N THR E 323 7.83 36.86 9.10
CA THR E 323 9.22 36.47 9.28
C THR E 323 10.15 37.49 8.63
N CYS E 324 11.23 37.81 9.33
CA CYS E 324 12.27 38.67 8.79
C CYS E 324 13.40 37.83 8.21
N ALA E 325 14.44 38.52 7.72
CA ALA E 325 15.59 37.79 7.20
C ALA E 325 16.39 37.13 8.31
N THR E 326 16.35 37.70 9.52
CA THR E 326 17.12 37.21 10.65
C THR E 326 16.22 36.86 11.83
N ASP E 327 15.08 36.22 11.57
CA ASP E 327 14.25 35.72 12.65
C ASP E 327 14.71 34.32 13.05
N THR E 328 14.22 33.87 14.20
CA THR E 328 14.67 32.62 14.81
C THR E 328 13.56 31.69 15.25
N GLU E 329 12.33 32.18 15.40
CA GLU E 329 11.22 31.39 15.92
C GLU E 329 10.44 30.68 14.82
N ASN E 330 10.96 30.65 13.59
CA ASN E 330 10.25 29.98 12.50
C ASN E 330 9.97 28.52 12.81
N ILE E 331 10.94 27.84 13.42
CA ILE E 331 10.77 26.42 13.73
C ILE E 331 9.71 26.24 14.81
N ARG E 332 9.74 27.10 15.83
CA ARG E 332 8.74 27.00 16.89
C ARG E 332 7.35 27.33 16.37
N PHE E 333 7.23 28.32 15.49
CA PHE E 333 5.92 28.63 14.94
C PHE E 333 5.40 27.51 14.05
N VAL E 334 6.29 26.87 13.28
CA VAL E 334 5.86 25.75 12.45
C VAL E 334 5.39 24.59 13.33
N PHE E 335 6.12 24.33 14.42
CA PHE E 335 5.70 23.29 15.35
C PHE E 335 4.33 23.61 15.94
N ALA E 336 4.13 24.87 16.34
CA ALA E 336 2.85 25.27 16.93
C ALA E 336 1.71 25.13 15.93
N ALA E 337 1.92 25.57 14.68
CA ALA E 337 0.86 25.51 13.69
C ALA E 337 0.55 24.07 13.30
N VAL E 338 1.56 23.20 13.27
CA VAL E 338 1.29 21.80 12.96
C VAL E 338 0.54 21.13 14.10
N LYS E 339 0.91 21.45 15.34
CA LYS E 339 0.19 20.91 16.49
C LYS E 339 -1.27 21.36 16.49
N ASP E 340 -1.51 22.64 16.19
CA ASP E 340 -2.88 23.14 16.12
C ASP E 340 -3.65 22.47 15.00
N THR E 341 -3.01 22.25 13.85
CA THR E 341 -3.68 21.58 12.73
C THR E 341 -4.09 20.17 13.13
N ILE E 342 -3.18 19.40 13.74
CA ILE E 342 -3.51 18.05 14.15
C ILE E 342 -4.62 18.07 15.20
N LEU E 343 -4.59 19.05 16.12
CA LEU E 343 -5.62 19.12 17.15
C LEU E 343 -6.99 19.39 16.55
N GLN E 344 -7.08 20.28 15.56
CA GLN E 344 -8.37 20.55 14.94
C GLN E 344 -8.85 19.36 14.11
N LEU E 345 -7.93 18.67 13.43
CA LEU E 345 -8.33 17.46 12.72
C LEU E 345 -8.83 16.39 13.67
N ASN E 346 -8.25 16.31 14.87
CA ASN E 346 -8.70 15.32 15.84
C ASN E 346 -10.02 15.72 16.46
N LEU E 347 -10.27 17.03 16.62
CA LEU E 347 -11.60 17.47 17.02
C LEU E 347 -12.64 17.06 16.00
N LYS E 348 -12.38 17.29 14.72
CA LYS E 348 -13.35 16.94 13.69
C LYS E 348 -13.53 15.44 13.57
N GLU E 349 -12.46 14.67 13.74
CA GLU E 349 -12.51 13.23 13.50
C GLU E 349 -13.06 12.45 14.69
N TYR E 350 -12.80 12.89 15.92
CA TYR E 350 -13.18 12.15 17.11
C TYR E 350 -14.57 12.51 17.60
N ASN E 351 -15.45 12.97 16.71
CA ASN E 351 -16.84 13.30 17.00
C ASN E 351 -16.97 14.42 18.03
N LEU E 352 -15.87 15.05 18.40
CA LEU E 352 -15.88 16.02 19.50
C LEU E 352 -16.23 17.42 19.00
N VAL E 353 -17.31 17.51 18.23
CA VAL E 353 -17.75 18.76 17.63
C VAL E 353 -19.08 18.55 16.91
N GLU F 10 -41.57 -12.18 52.14
CA GLU F 10 -41.77 -10.74 52.22
C GLU F 10 -42.01 -10.14 50.83
N ALA F 11 -41.59 -8.89 50.68
CA ALA F 11 -41.73 -8.18 49.41
C ALA F 11 -40.81 -8.79 48.36
N TYS F 12 -41.21 -8.73 47.10
CA TYS F 12 -40.41 -9.29 46.04
CB TYS F 12 -41.14 -9.11 44.71
CG TYS F 12 -40.41 -9.84 43.61
CD1 TYS F 12 -39.53 -9.15 42.79
CD2 TYS F 12 -40.62 -11.20 43.42
CE1 TYS F 12 -38.87 -9.82 41.77
CE2 TYS F 12 -39.94 -11.87 42.41
CZ TYS F 12 -39.07 -11.17 41.58
OH TYS F 12 -38.41 -11.83 40.58
S TYS F 12 -36.93 -11.50 40.28
O1 TYS F 12 -36.58 -11.97 41.79
O2 TYS F 12 -36.02 -12.52 39.88
O3 TYS F 12 -36.45 -10.19 40.62
C TYS F 12 -39.09 -8.59 46.00
O TYS F 12 -39.04 -7.34 46.11
N GLY F 13 -38.02 -9.34 45.82
CA GLY F 13 -36.69 -8.77 45.78
C GLY F 13 -36.16 -8.60 44.38
N TRP F 14 -35.69 -7.39 44.09
CA TRP F 14 -35.16 -7.06 42.77
C TRP F 14 -33.83 -7.70 42.45
N MET F 15 -33.46 -7.65 41.18
CA MET F 15 -32.18 -8.17 40.71
C MET F 15 -31.40 -6.95 40.27
N ASP F 16 -30.19 -6.76 40.78
CA ASP F 16 -29.42 -5.59 40.39
C ASP F 16 -29.11 -5.64 38.91
N PHE F 17 -29.30 -4.50 38.24
CA PHE F 17 -29.11 -4.31 36.80
C PHE F 17 -29.31 -5.54 35.89
#